data_9GTV
#
_entry.id   9GTV
#
_cell.length_a   78.872
_cell.length_b   51.880
_cell.length_c   118.319
_cell.angle_alpha   90.00
_cell.angle_beta   96.49
_cell.angle_gamma   90.00
#
_symmetry.space_group_name_H-M   'P 1 21 1'
#
_entity_poly.entity_id   1
_entity_poly.type   'polypeptide(L)'
_entity_poly.pdbx_seq_one_letter_code
;VARPKSEDKKQALLEAATQAIAQSGIAASTAVIARNAGVAEGTLFRYFATKDELINTL(A1IPL)LHLKQDLSQSMIMEL
DRSITDAKMMTRFIWNSYISWGLNHPARHRAIRQLAVSEKLTKETEQRADDMFPELRDLSHRSVLMVFMSDEYRAFGDGL
FLALAETTMDFAARDPARAGEYIALGFEAMWRALTREEQAAWSHPQFEK
;
_entity_poly.pdbx_strand_id   A,B,C,D
#
# COMPACT_ATOMS: atom_id res chain seq x y z
N GLU A 7 20.66 -33.73 -38.39
CA GLU A 7 21.09 -32.78 -37.36
C GLU A 7 20.24 -31.52 -37.51
N ASP A 8 19.93 -31.22 -38.77
CA ASP A 8 19.01 -30.12 -39.06
C ASP A 8 17.81 -30.14 -38.11
N LYS A 9 17.21 -31.32 -37.96
CA LYS A 9 16.09 -31.50 -37.05
C LYS A 9 16.50 -31.23 -35.61
N LYS A 10 17.60 -31.82 -35.16
CA LYS A 10 18.05 -31.58 -33.78
C LYS A 10 18.28 -30.09 -33.52
N GLN A 11 18.88 -29.40 -34.48
CA GLN A 11 19.15 -27.97 -34.28
C GLN A 11 17.86 -27.18 -34.17
N ALA A 12 16.88 -27.47 -35.02
CA ALA A 12 15.60 -26.79 -34.89
C ALA A 12 14.98 -27.05 -33.53
N LEU A 13 15.17 -28.26 -33.00
CA LEU A 13 14.67 -28.56 -31.67
C LEU A 13 15.37 -27.71 -30.61
N LEU A 14 16.69 -27.60 -30.71
CA LEU A 14 17.42 -26.80 -29.73
C LEU A 14 16.95 -25.37 -29.75
N GLU A 15 16.75 -24.82 -30.94
CA GLU A 15 16.27 -23.43 -31.04
C GLU A 15 14.87 -23.31 -30.44
N ALA A 16 14.03 -24.32 -30.65
CA ALA A 16 12.69 -24.26 -30.09
C ALA A 16 12.70 -24.38 -28.58
N ALA A 17 13.56 -25.25 -28.03
CA ALA A 17 13.69 -25.36 -26.58
C ALA A 17 14.20 -24.05 -25.99
N THR A 18 15.17 -23.45 -26.67
CA THR A 18 15.65 -22.14 -26.25
C THR A 18 14.49 -21.17 -26.10
N GLN A 19 13.66 -21.08 -27.13
CA GLN A 19 12.55 -20.13 -27.10
C GLN A 19 11.54 -20.50 -25.98
N ALA A 20 11.23 -21.79 -25.85
CA ALA A 20 10.24 -22.24 -24.88
C ALA A 20 10.68 -21.97 -23.45
N ILE A 21 11.95 -22.30 -23.15
CA ILE A 21 12.49 -22.08 -21.82
C ILE A 21 12.68 -20.59 -21.57
N ALA A 22 13.08 -19.84 -22.60
CA ALA A 22 13.16 -18.40 -22.45
C ALA A 22 11.82 -17.85 -21.99
N GLN A 23 10.72 -18.41 -22.49
CA GLN A 23 9.43 -17.87 -22.09
C GLN A 23 8.88 -18.48 -20.80
N SER A 24 9.12 -19.77 -20.54
CA SER A 24 8.43 -20.44 -19.45
C SER A 24 9.34 -21.21 -18.50
N GLY A 25 10.65 -21.14 -18.68
CA GLY A 25 11.55 -21.77 -17.73
C GLY A 25 11.65 -23.26 -17.93
N ILE A 26 12.20 -23.93 -16.92
CA ILE A 26 12.40 -25.37 -17.01
C ILE A 26 11.06 -26.08 -17.18
N ALA A 27 9.98 -25.46 -16.70
CA ALA A 27 8.66 -26.07 -16.78
C ALA A 27 8.16 -26.25 -18.21
N ALA A 28 8.71 -25.49 -19.15
CA ALA A 28 8.26 -25.56 -20.54
C ALA A 28 8.05 -27.01 -20.95
N SER A 29 6.97 -27.25 -21.69
CA SER A 29 6.58 -28.60 -22.05
C SER A 29 7.43 -29.16 -23.19
N THR A 30 7.80 -30.43 -23.09
CA THR A 30 8.46 -31.11 -24.19
C THR A 30 7.56 -31.18 -25.42
N ALA A 31 6.26 -31.31 -25.20
CA ALA A 31 5.32 -31.34 -26.32
C ALA A 31 5.39 -30.03 -27.09
N VAL A 32 5.40 -28.90 -26.37
CA VAL A 32 5.40 -27.61 -27.05
C VAL A 32 6.70 -27.40 -27.81
N ILE A 33 7.81 -27.82 -27.22
CA ILE A 33 9.08 -27.71 -27.92
C ILE A 33 9.03 -28.51 -29.22
N ALA A 34 8.54 -29.75 -29.15
CA ALA A 34 8.47 -30.58 -30.36
C ALA A 34 7.51 -29.99 -31.38
N ARG A 35 6.33 -29.53 -30.95
CA ARG A 35 5.40 -28.93 -31.89
C ARG A 35 6.00 -27.70 -32.55
N ASN A 36 6.70 -26.87 -31.78
CA ASN A 36 7.29 -25.67 -32.33
C ASN A 36 8.51 -25.97 -33.18
N ALA A 37 9.13 -27.14 -32.98
CA ALA A 37 10.07 -27.67 -33.96
C ALA A 37 9.37 -28.24 -35.19
N GLY A 38 8.12 -28.70 -35.05
CA GLY A 38 7.46 -29.36 -36.14
C GLY A 38 7.72 -30.85 -36.21
N VAL A 39 8.02 -31.48 -35.08
CA VAL A 39 8.29 -32.91 -34.95
C VAL A 39 7.47 -33.33 -33.74
N ALA A 40 6.99 -34.55 -33.74
CA ALA A 40 6.24 -34.99 -32.58
C ALA A 40 7.19 -35.25 -31.41
N GLU A 41 6.63 -35.24 -30.19
CA GLU A 41 7.41 -35.29 -28.96
C GLU A 41 8.29 -36.53 -28.88
N GLY A 42 7.96 -37.58 -29.62
CA GLY A 42 8.79 -38.77 -29.58
C GLY A 42 10.15 -38.56 -30.22
N THR A 43 10.18 -37.83 -31.34
CA THR A 43 11.44 -37.49 -31.98
C THR A 43 12.34 -36.75 -31.00
N LEU A 44 11.77 -35.73 -30.35
CA LEU A 44 12.47 -35.01 -29.31
C LEU A 44 13.06 -35.97 -28.29
N PHE A 45 12.25 -36.88 -27.75
CA PHE A 45 12.85 -37.70 -26.71
C PHE A 45 13.82 -38.69 -27.30
N ARG A 46 13.78 -38.97 -28.61
CA ARG A 46 14.86 -39.77 -29.20
C ARG A 46 16.18 -39.04 -29.04
N TYR A 47 16.26 -37.79 -29.49
CA TYR A 47 17.54 -37.09 -29.44
C TYR A 47 18.02 -36.88 -28.02
N PHE A 48 17.11 -36.43 -27.15
CA PHE A 48 17.41 -36.21 -25.74
C PHE A 48 16.53 -37.14 -24.92
N ALA A 49 17.16 -38.00 -24.13
CA ALA A 49 16.40 -39.03 -23.45
C ALA A 49 15.66 -38.52 -22.24
N THR A 50 15.89 -37.27 -21.84
CA THR A 50 15.25 -36.74 -20.64
C THR A 50 15.13 -35.23 -20.73
N LYS A 51 14.24 -34.69 -19.89
CA LYS A 51 14.25 -33.26 -19.64
C LYS A 51 15.63 -32.83 -19.16
N ASP A 52 16.21 -33.57 -18.20
CA ASP A 52 17.52 -33.15 -17.71
C ASP A 52 18.58 -33.17 -18.82
N GLU A 53 18.66 -34.28 -19.56
CA GLU A 53 19.67 -34.40 -20.60
C GLU A 53 19.52 -33.27 -21.60
N LEU A 54 18.28 -32.90 -21.91
CA LEU A 54 18.07 -31.75 -22.78
C LEU A 54 18.56 -30.46 -22.12
N ILE A 55 18.21 -30.24 -20.86
CA ILE A 55 18.67 -29.03 -20.18
C ILE A 55 20.17 -28.91 -20.31
N ASN A 56 20.89 -29.98 -19.98
CA ASN A 56 22.35 -29.94 -19.99
C ASN A 56 22.89 -29.72 -21.39
N THR A 57 22.35 -30.44 -22.37
CA THR A 57 22.81 -30.27 -23.75
C THR A 57 22.57 -28.86 -24.25
N LEU A 58 21.46 -28.26 -23.86
CA LEU A 58 21.16 -26.91 -24.29
C LEU A 58 22.03 -25.87 -23.59
N LEU A 60 25.02 -26.35 -22.73
CA LEU A 60 26.30 -26.42 -23.43
C LEU A 60 26.24 -25.86 -24.84
N HIS A 61 25.16 -26.12 -25.56
CA HIS A 61 25.03 -25.57 -26.90
C HIS A 61 25.04 -24.05 -26.86
N LEU A 62 24.33 -23.47 -25.91
CA LEU A 62 24.25 -22.02 -25.79
C LEU A 62 25.59 -21.42 -25.38
N LYS A 63 26.28 -22.07 -24.43
CA LYS A 63 27.59 -21.59 -24.01
C LYS A 63 28.58 -21.66 -25.17
N GLN A 64 28.51 -22.73 -25.97
CA GLN A 64 29.33 -22.80 -27.17
C GLN A 64 29.01 -21.65 -28.11
N ASP A 65 27.74 -21.32 -28.28
CA ASP A 65 27.38 -20.20 -29.15
C ASP A 65 28.01 -18.90 -28.65
N LEU A 66 27.94 -18.68 -27.34
CA LEU A 66 28.60 -17.53 -26.74
C LEU A 66 30.09 -17.53 -27.05
N SER A 67 30.74 -18.66 -26.77
CA SER A 67 32.17 -18.77 -26.96
C SER A 67 32.55 -18.53 -28.41
N GLN A 68 31.70 -18.97 -29.32
CA GLN A 68 31.93 -18.69 -30.73
C GLN A 68 31.92 -17.20 -31.00
N SER A 69 30.92 -16.49 -30.48
CA SER A 69 30.89 -15.05 -30.75
C SER A 69 32.13 -14.37 -30.18
N MET A 70 32.74 -14.95 -29.16
CA MET A 70 33.95 -14.34 -28.62
C MET A 70 35.21 -14.67 -29.40
N ILE A 71 35.41 -15.92 -29.79
CA ILE A 71 36.73 -16.35 -30.26
C ILE A 71 37.28 -15.45 -31.35
N MET A 72 36.41 -14.69 -32.03
CA MET A 72 36.89 -13.71 -32.99
C MET A 72 37.95 -12.80 -32.35
N GLU A 73 37.62 -12.22 -31.20
CA GLU A 73 38.48 -11.24 -30.56
C GLU A 73 39.14 -11.84 -29.31
N LEU A 74 39.47 -13.12 -29.34
CA LEU A 74 40.10 -13.75 -28.19
C LEU A 74 41.59 -13.41 -28.16
N ASP A 75 42.11 -13.19 -26.95
CA ASP A 75 43.48 -12.74 -26.70
C ASP A 75 44.20 -13.64 -25.70
N ARG A 76 45.44 -13.25 -25.38
CA ARG A 76 46.33 -14.10 -24.59
C ARG A 76 46.07 -13.91 -23.10
N SER A 77 46.42 -14.93 -22.31
CA SER A 77 46.14 -14.85 -20.89
C SER A 77 46.99 -13.79 -20.20
N ILE A 78 48.20 -13.53 -20.72
CA ILE A 78 49.04 -12.50 -20.09
C ILE A 78 48.41 -11.18 -20.51
N THR A 79 47.41 -10.78 -19.74
CA THR A 79 46.63 -9.56 -19.88
C THR A 79 45.94 -9.39 -18.54
N ASP A 80 45.64 -8.14 -18.19
CA ASP A 80 45.01 -7.84 -16.93
C ASP A 80 43.72 -8.65 -16.76
N ALA A 81 43.48 -9.08 -15.52
CA ALA A 81 42.28 -9.85 -15.24
C ALA A 81 41.04 -9.00 -15.46
N LYS A 82 41.14 -7.70 -15.18
CA LYS A 82 40.04 -6.80 -15.46
C LYS A 82 39.85 -6.61 -16.96
N MET A 83 40.93 -6.56 -17.73
CA MET A 83 40.77 -6.47 -19.18
C MET A 83 40.03 -7.69 -19.71
N MET A 84 40.49 -8.88 -19.32
CA MET A 84 39.87 -10.13 -19.75
C MET A 84 38.42 -10.22 -19.32
N THR A 85 38.15 -9.91 -18.06
CA THR A 85 36.80 -9.98 -17.54
C THR A 85 35.88 -8.97 -18.21
N ARG A 86 36.38 -7.76 -18.50
CA ARG A 86 35.54 -6.81 -19.22
C ARG A 86 35.27 -7.31 -20.63
N PHE A 87 36.26 -7.94 -21.27
CA PHE A 87 36.04 -8.47 -22.60
C PHE A 87 34.94 -9.52 -22.57
N ILE A 88 35.01 -10.44 -21.59
CA ILE A 88 33.98 -11.46 -21.43
C ILE A 88 32.61 -10.81 -21.23
N TRP A 89 32.55 -9.85 -20.31
CA TRP A 89 31.27 -9.21 -20.02
C TRP A 89 30.70 -8.46 -21.22
N ASN A 90 31.52 -7.71 -21.93
CA ASN A 90 31.02 -7.05 -23.14
C ASN A 90 30.56 -8.08 -24.16
N SER A 91 31.30 -9.16 -24.31
CA SER A 91 30.87 -10.19 -25.23
C SER A 91 29.49 -10.71 -24.82
N TYR A 92 29.32 -10.95 -23.52
CA TYR A 92 28.08 -11.52 -23.06
C TYR A 92 26.93 -10.56 -23.31
N ILE A 93 27.14 -9.28 -23.03
CA ILE A 93 26.08 -8.30 -23.20
C ILE A 93 25.71 -8.18 -24.68
N SER A 94 26.71 -8.16 -25.56
CA SER A 94 26.42 -8.12 -26.98
C SER A 94 25.60 -9.34 -27.38
N TRP A 95 25.99 -10.51 -26.89
CA TRP A 95 25.28 -11.74 -27.20
C TRP A 95 23.83 -11.67 -26.74
N GLY A 96 23.61 -11.26 -25.50
CA GLY A 96 22.26 -11.14 -25.00
C GLY A 96 21.41 -10.14 -25.76
N LEU A 97 22.00 -9.02 -26.16
CA LEU A 97 21.25 -8.04 -26.95
C LEU A 97 20.87 -8.59 -28.32
N ASN A 98 21.82 -9.24 -28.99
CA ASN A 98 21.49 -9.82 -30.29
C ASN A 98 20.56 -11.02 -30.15
N HIS A 99 20.68 -11.80 -29.08
CA HIS A 99 19.99 -13.08 -28.93
C HIS A 99 19.31 -13.13 -27.57
N PRO A 100 18.26 -12.35 -27.39
CA PRO A 100 17.60 -12.30 -26.08
C PRO A 100 17.11 -13.62 -25.55
N ALA A 101 16.53 -14.46 -26.41
CA ALA A 101 16.04 -15.75 -25.96
C ALA A 101 17.19 -16.63 -25.50
N ARG A 102 18.34 -16.53 -26.19
CA ARG A 102 19.49 -17.33 -25.80
C ARG A 102 19.95 -16.96 -24.40
N HIS A 103 20.02 -15.66 -24.10
CA HIS A 103 20.35 -15.23 -22.75
C HIS A 103 19.31 -15.73 -21.76
N ARG A 104 18.03 -15.50 -22.04
CA ARG A 104 17.00 -15.86 -21.07
C ARG A 104 17.03 -17.35 -20.80
N ALA A 105 17.12 -18.14 -21.85
CA ALA A 105 17.17 -19.58 -21.69
C ALA A 105 18.36 -19.97 -20.84
N ILE A 106 19.54 -19.46 -21.18
CA ILE A 106 20.73 -19.91 -20.48
C ILE A 106 20.68 -19.52 -19.02
N ARG A 107 20.10 -18.37 -18.71
CA ARG A 107 19.98 -17.97 -17.32
C ARG A 107 19.12 -18.96 -16.55
N GLN A 108 17.97 -19.31 -17.14
CA GLN A 108 17.09 -20.32 -16.56
C GLN A 108 17.86 -21.62 -16.31
N LEU A 109 18.64 -22.03 -17.29
CA LEU A 109 19.39 -23.27 -17.17
C LEU A 109 20.43 -23.15 -16.06
N ALA A 110 21.17 -22.05 -16.05
CA ALA A 110 22.27 -21.88 -15.10
C ALA A 110 21.75 -22.07 -13.69
N VAL A 111 20.66 -21.40 -13.34
CA VAL A 111 20.17 -21.50 -11.97
C VAL A 111 19.25 -22.69 -11.75
N SER A 112 19.04 -23.54 -12.75
CA SER A 112 18.49 -24.85 -12.47
C SER A 112 19.48 -25.59 -11.58
N GLU A 113 18.95 -26.50 -10.77
CA GLU A 113 19.80 -27.40 -10.00
C GLU A 113 20.09 -28.67 -10.77
N LYS A 114 20.06 -28.57 -12.10
CA LYS A 114 19.95 -29.71 -13.00
C LYS A 114 21.18 -29.93 -13.87
N LEU A 115 22.27 -29.22 -13.61
CA LEU A 115 23.45 -29.29 -14.46
C LEU A 115 24.43 -30.29 -13.86
N THR A 116 24.72 -31.35 -14.63
CA THR A 116 25.68 -32.35 -14.19
C THR A 116 27.04 -31.71 -14.00
N LYS A 117 27.86 -32.34 -13.15
CA LYS A 117 29.22 -31.89 -13.00
C LYS A 117 29.99 -32.04 -14.29
N GLU A 118 29.65 -33.02 -15.12
CA GLU A 118 30.30 -33.16 -16.41
C GLU A 118 30.07 -31.94 -17.29
N THR A 119 28.82 -31.48 -17.34
CA THR A 119 28.51 -30.27 -18.10
C THR A 119 29.19 -29.06 -17.48
N GLU A 120 29.27 -29.00 -16.15
CA GLU A 120 29.96 -27.90 -15.52
C GLU A 120 31.44 -27.89 -15.90
N GLN A 121 32.06 -29.08 -16.01
CA GLN A 121 33.46 -29.13 -16.40
C GLN A 121 33.65 -28.78 -17.87
N ARG A 122 32.78 -29.30 -18.73
CA ARG A 122 32.84 -28.94 -20.15
C ARG A 122 32.68 -27.44 -20.31
N ALA A 123 31.80 -26.84 -19.51
CA ALA A 123 31.52 -25.41 -19.63
C ALA A 123 32.65 -24.56 -19.09
N ASP A 124 33.29 -24.99 -17.99
CA ASP A 124 34.52 -24.35 -17.56
C ASP A 124 35.56 -24.42 -18.66
N ASP A 125 35.64 -25.55 -19.36
CA ASP A 125 36.69 -25.76 -20.36
C ASP A 125 36.38 -25.11 -21.69
N MET A 126 35.18 -24.52 -21.85
CA MET A 126 34.98 -23.64 -23.00
C MET A 126 35.69 -22.31 -22.80
N PHE A 127 36.02 -21.98 -21.57
CA PHE A 127 36.67 -20.71 -21.20
C PHE A 127 37.91 -20.92 -20.38
N PRO A 128 39.11 -20.95 -21.01
CA PRO A 128 40.38 -20.96 -20.29
C PRO A 128 40.36 -19.84 -19.26
N GLU A 129 39.55 -18.84 -19.58
CA GLU A 129 39.43 -17.62 -18.79
C GLU A 129 38.87 -17.89 -17.39
N LEU A 130 38.14 -18.98 -17.19
CA LEU A 130 37.64 -19.20 -15.84
C LEU A 130 38.74 -19.78 -14.93
N ARG A 131 39.91 -19.16 -14.90
CA ARG A 131 41.00 -19.53 -14.01
C ARG A 131 41.09 -18.26 -13.16
N ASP A 132 40.57 -18.35 -11.93
CA ASP A 132 40.35 -17.14 -11.13
C ASP A 132 41.65 -16.42 -10.80
N LEU A 133 42.67 -17.17 -10.41
CA LEU A 133 43.94 -16.59 -9.99
C LEU A 133 43.71 -15.51 -8.93
N SER A 134 42.75 -15.76 -8.06
CA SER A 134 42.41 -14.81 -7.01
C SER A 134 42.26 -13.38 -7.52
N HIS A 135 41.83 -13.17 -8.76
CA HIS A 135 41.30 -11.84 -9.04
C HIS A 135 40.06 -11.66 -8.17
N ARG A 136 39.35 -12.77 -7.90
CA ARG A 136 38.19 -12.81 -7.03
C ARG A 136 38.52 -12.63 -5.55
N SER A 137 37.51 -12.17 -4.81
CA SER A 137 37.69 -11.92 -3.39
C SER A 137 37.58 -13.25 -2.68
N VAL A 138 37.80 -13.26 -1.37
CA VAL A 138 37.74 -14.52 -0.65
C VAL A 138 36.30 -15.04 -0.60
N LEU A 139 35.34 -14.13 -0.48
CA LEU A 139 33.93 -14.50 -0.46
C LEU A 139 33.55 -15.26 -1.73
N MET A 140 33.94 -14.73 -2.91
CA MET A 140 33.51 -15.34 -4.17
C MET A 140 34.26 -16.63 -4.49
N VAL A 141 35.54 -16.73 -4.18
CA VAL A 141 36.16 -18.05 -4.29
C VAL A 141 35.42 -19.05 -3.39
N PHE A 142 34.95 -18.58 -2.23
CA PHE A 142 34.15 -19.47 -1.38
C PHE A 142 32.79 -19.75 -2.01
N MET A 143 32.27 -18.80 -2.80
CA MET A 143 30.97 -18.96 -3.42
C MET A 143 31.05 -19.96 -4.56
N SER A 144 32.20 -19.99 -5.22
CA SER A 144 32.39 -20.87 -6.37
C SER A 144 32.30 -22.31 -5.93
N ASP A 145 32.83 -22.61 -4.73
CA ASP A 145 32.67 -23.95 -4.16
C ASP A 145 31.23 -24.19 -3.71
N GLU A 146 30.74 -23.34 -2.78
CA GLU A 146 29.50 -23.69 -2.10
C GLU A 146 28.22 -23.15 -2.74
N TYR A 147 28.27 -22.04 -3.44
CA TYR A 147 27.09 -21.32 -3.88
C TYR A 147 27.20 -20.92 -5.34
N ARG A 148 27.76 -21.79 -6.18
CA ARG A 148 28.06 -21.42 -7.55
C ARG A 148 26.82 -20.98 -8.33
N ALA A 149 25.68 -21.64 -8.13
CA ALA A 149 24.50 -21.22 -8.87
C ALA A 149 24.06 -19.82 -8.45
N PHE A 150 24.07 -19.54 -7.15
CA PHE A 150 23.72 -18.19 -6.69
C PHE A 150 24.68 -17.16 -7.26
N GLY A 151 25.97 -17.51 -7.32
CA GLY A 151 26.92 -16.59 -7.90
C GLY A 151 26.56 -16.25 -9.33
N ASP A 152 26.38 -17.29 -10.15
CA ASP A 152 25.99 -17.05 -11.53
C ASP A 152 24.67 -16.31 -11.61
N GLY A 153 23.70 -16.67 -10.75
CA GLY A 153 22.45 -15.96 -10.68
C GLY A 153 22.63 -14.47 -10.51
N LEU A 154 23.47 -14.08 -9.58
CA LEU A 154 23.73 -12.66 -9.35
C LEU A 154 24.39 -12.03 -10.56
N PHE A 155 25.39 -12.70 -11.14
CA PHE A 155 26.04 -12.15 -12.32
C PHE A 155 25.03 -11.88 -13.41
N LEU A 156 24.20 -12.88 -13.71
CA LEU A 156 23.21 -12.79 -14.78
C LEU A 156 22.17 -11.74 -14.46
N ALA A 157 21.88 -11.54 -13.18
CA ALA A 157 20.98 -10.46 -12.79
C ALA A 157 21.57 -9.10 -13.19
N LEU A 158 22.83 -8.89 -12.86
CA LEU A 158 23.45 -7.61 -13.22
C LEU A 158 23.53 -7.47 -14.74
N ALA A 159 23.92 -8.54 -15.42
CA ALA A 159 24.04 -8.53 -16.88
C ALA A 159 22.70 -8.27 -17.56
N GLU A 160 21.62 -8.86 -17.03
CA GLU A 160 20.31 -8.65 -17.62
C GLU A 160 19.83 -7.24 -17.37
N THR A 161 20.08 -6.70 -16.17
CA THR A 161 19.68 -5.31 -15.95
C THR A 161 20.42 -4.41 -16.93
N THR A 162 21.70 -4.69 -17.13
CA THR A 162 22.47 -3.94 -18.09
C THR A 162 21.83 -4.01 -19.47
N MET A 163 21.52 -5.22 -19.94
CA MET A 163 20.95 -5.38 -21.28
C MET A 163 19.64 -4.62 -21.42
N ASP A 164 18.75 -4.76 -20.43
CA ASP A 164 17.44 -4.12 -20.50
C ASP A 164 17.59 -2.60 -20.61
N PHE A 165 18.48 -2.02 -19.82
CA PHE A 165 18.64 -0.57 -19.90
C PHE A 165 19.27 -0.16 -21.22
N ALA A 166 20.28 -0.90 -21.66
CA ALA A 166 20.90 -0.62 -22.95
C ALA A 166 19.85 -0.65 -24.06
N ALA A 167 19.02 -1.68 -24.07
CA ALA A 167 18.01 -1.84 -25.11
C ALA A 167 17.01 -0.70 -25.05
N ARG A 168 16.60 -0.32 -23.84
CA ARG A 168 15.61 0.74 -23.71
C ARG A 168 16.17 2.10 -24.13
N ASP A 169 17.48 2.31 -23.99
CA ASP A 169 18.07 3.62 -24.25
C ASP A 169 19.47 3.46 -24.80
N PRO A 170 19.58 3.07 -26.08
CA PRO A 170 20.90 2.72 -26.61
C PRO A 170 21.85 3.91 -26.67
N ALA A 171 21.31 5.13 -26.60
CA ALA A 171 22.17 6.31 -26.55
C ALA A 171 23.14 6.19 -25.40
N ARG A 172 22.71 5.55 -24.32
CA ARG A 172 23.53 5.38 -23.12
C ARG A 172 24.02 3.95 -22.95
N ALA A 173 23.95 3.15 -24.02
CA ALA A 173 24.27 1.74 -23.88
C ALA A 173 25.66 1.55 -23.27
N GLY A 174 26.66 2.24 -23.83
CA GLY A 174 28.01 2.04 -23.35
C GLY A 174 28.15 2.41 -21.89
N GLU A 175 27.54 3.53 -21.48
CA GLU A 175 27.60 3.87 -20.07
C GLU A 175 27.05 2.74 -19.22
N TYR A 176 25.86 2.25 -19.58
CA TYR A 176 25.27 1.19 -18.79
C TYR A 176 26.20 -0.02 -18.77
N ILE A 177 26.80 -0.35 -19.92
CA ILE A 177 27.60 -1.56 -19.96
C ILE A 177 28.80 -1.36 -19.06
N ALA A 178 29.31 -0.13 -19.06
CA ALA A 178 30.41 0.20 -18.18
C ALA A 178 29.95 0.09 -16.72
N LEU A 179 28.88 0.81 -16.37
CA LEU A 179 28.49 0.80 -14.96
C LEU A 179 28.18 -0.61 -14.50
N GLY A 180 27.36 -1.32 -15.26
CA GLY A 180 27.10 -2.69 -14.91
C GLY A 180 28.39 -3.43 -14.71
N PHE A 181 29.32 -3.27 -15.65
CA PHE A 181 30.56 -4.00 -15.50
C PHE A 181 31.22 -3.67 -14.17
N GLU A 182 31.42 -2.38 -13.90
CA GLU A 182 32.10 -2.04 -12.68
C GLU A 182 31.35 -2.63 -11.51
N ALA A 183 30.03 -2.54 -11.52
CA ALA A 183 29.30 -3.02 -10.37
C ALA A 183 29.61 -4.50 -10.13
N MET A 184 29.61 -5.32 -11.19
CA MET A 184 29.89 -6.74 -11.01
C MET A 184 31.37 -6.95 -10.69
N TRP A 185 32.24 -6.14 -11.27
CA TRP A 185 33.66 -6.26 -10.97
C TRP A 185 33.94 -6.00 -9.50
N ARG A 186 33.44 -4.87 -8.97
CA ARG A 186 33.60 -4.65 -7.55
C ARG A 186 33.04 -5.86 -6.80
N ALA A 187 31.85 -6.33 -7.23
CA ALA A 187 31.20 -7.42 -6.51
C ALA A 187 32.11 -8.63 -6.51
N LEU A 188 32.85 -8.85 -7.59
CA LEU A 188 33.62 -10.06 -7.71
C LEU A 188 35.00 -9.95 -7.10
N THR A 189 35.47 -8.73 -6.86
CA THR A 189 36.88 -8.47 -6.71
C THR A 189 37.20 -7.74 -5.42
N ARG A 190 36.32 -6.83 -5.04
CA ARG A 190 36.49 -6.04 -3.84
C ARG A 190 36.50 -6.94 -2.61
N GLU A 191 37.34 -6.59 -1.65
CA GLU A 191 37.62 -7.49 -0.55
C GLU A 191 37.39 -6.78 0.78
N GLU A 192 37.35 -7.60 1.84
CA GLU A 192 37.05 -7.09 3.16
C GLU A 192 38.07 -6.05 3.59
N GLN A 193 37.60 -5.00 4.24
CA GLN A 193 38.46 -3.98 4.82
C GLN A 193 38.15 -3.95 6.32
N ALA A 194 39.19 -4.11 7.15
CA ALA A 194 39.03 -4.38 8.57
C ALA A 194 39.59 -3.26 9.43
N ALA A 195 38.95 -3.07 10.58
CA ALA A 195 39.20 -1.94 11.49
C ALA A 195 40.52 -1.20 11.27
N ASP B 8 -11.67 -0.70 1.11
CA ASP B 8 -12.39 0.19 0.20
C ASP B 8 -12.35 -0.36 -1.22
N LYS B 9 -13.00 0.35 -2.13
CA LYS B 9 -12.95 0.01 -3.55
C LYS B 9 -11.57 0.31 -4.13
N LYS B 10 -11.06 1.51 -3.83
CA LYS B 10 -9.75 1.92 -4.30
C LYS B 10 -8.68 0.88 -3.95
N GLN B 11 -8.73 0.34 -2.75
CA GLN B 11 -7.72 -0.62 -2.32
C GLN B 11 -7.78 -1.91 -3.13
N ALA B 12 -8.99 -2.39 -3.43
CA ALA B 12 -9.10 -3.57 -4.27
C ALA B 12 -8.50 -3.29 -5.65
N LEU B 13 -8.70 -2.07 -6.16
CA LEU B 13 -8.10 -1.72 -7.45
C LEU B 13 -6.59 -1.74 -7.37
N LEU B 14 -6.03 -1.14 -6.31
CA LEU B 14 -4.58 -1.08 -6.15
C LEU B 14 -3.97 -2.48 -6.04
N GLU B 15 -4.61 -3.36 -5.26
CA GLU B 15 -4.13 -4.72 -5.12
C GLU B 15 -4.22 -5.49 -6.44
N ALA B 16 -5.28 -5.26 -7.21
CA ALA B 16 -5.36 -5.92 -8.51
C ALA B 16 -4.32 -5.36 -9.48
N ALA B 17 -4.06 -4.05 -9.43
CA ALA B 17 -3.03 -3.45 -10.26
C ALA B 17 -1.66 -4.01 -9.90
N THR B 18 -1.40 -4.17 -8.60
CA THR B 18 -0.18 -4.81 -8.16
C THR B 18 -0.04 -6.17 -8.81
N GLN B 19 -1.09 -6.99 -8.72
CA GLN B 19 -1.00 -8.33 -9.27
C GLN B 19 -0.74 -8.29 -10.77
N ALA B 20 -1.46 -7.42 -11.48
CA ALA B 20 -1.34 -7.32 -12.92
C ALA B 20 0.07 -6.90 -13.33
N ILE B 21 0.60 -5.87 -12.66
CA ILE B 21 1.95 -5.40 -12.98
C ILE B 21 2.99 -6.42 -12.56
N ALA B 22 2.77 -7.08 -11.43
CA ALA B 22 3.68 -8.14 -11.02
C ALA B 22 3.81 -9.16 -12.13
N GLN B 23 2.71 -9.40 -12.84
CA GLN B 23 2.71 -10.42 -13.88
C GLN B 23 3.14 -9.92 -15.26
N SER B 24 2.79 -8.70 -15.64
CA SER B 24 2.97 -8.24 -17.02
C SER B 24 3.60 -6.86 -17.15
N GLY B 25 4.00 -6.24 -16.05
CA GLY B 25 4.69 -4.97 -16.11
C GLY B 25 3.74 -3.82 -16.35
N ILE B 26 4.34 -2.68 -16.73
CA ILE B 26 3.57 -1.46 -16.93
C ILE B 26 2.55 -1.62 -18.06
N ALA B 27 2.81 -2.53 -19.00
CA ALA B 27 1.91 -2.71 -20.12
C ALA B 27 0.54 -3.20 -19.67
N ALA B 28 0.46 -3.80 -18.48
CA ALA B 28 -0.80 -4.36 -17.99
C ALA B 28 -1.95 -3.42 -18.29
N SER B 29 -3.04 -3.99 -18.77
CA SER B 29 -4.16 -3.20 -19.22
C SER B 29 -4.98 -2.71 -18.05
N THR B 30 -5.47 -1.48 -18.15
CA THR B 30 -6.42 -1.00 -17.17
C THR B 30 -7.67 -1.89 -17.15
N ALA B 31 -8.00 -2.52 -18.27
CA ALA B 31 -9.26 -3.26 -18.33
C ALA B 31 -9.25 -4.41 -17.32
N VAL B 32 -8.20 -5.24 -17.31
CA VAL B 32 -8.18 -6.39 -16.41
C VAL B 32 -7.99 -5.95 -14.97
N ILE B 33 -7.18 -4.92 -14.72
CA ILE B 33 -7.09 -4.44 -13.35
C ILE B 33 -8.48 -4.12 -12.82
N ALA B 34 -9.25 -3.40 -13.64
CA ALA B 34 -10.62 -3.10 -13.26
C ALA B 34 -11.45 -4.38 -13.14
N ARG B 35 -11.27 -5.31 -14.07
CA ARG B 35 -12.07 -6.53 -14.09
C ARG B 35 -11.86 -7.33 -12.81
N ASN B 36 -10.60 -7.50 -12.42
CA ASN B 36 -10.21 -8.30 -11.27
C ASN B 36 -10.42 -7.55 -9.97
N ALA B 37 -10.48 -6.22 -10.02
CA ALA B 37 -11.01 -5.50 -8.87
C ALA B 37 -12.51 -5.73 -8.71
N GLY B 38 -13.19 -6.12 -9.80
CA GLY B 38 -14.63 -6.24 -9.78
C GLY B 38 -15.38 -5.01 -10.24
N VAL B 39 -14.76 -4.19 -11.08
CA VAL B 39 -15.36 -2.96 -11.59
C VAL B 39 -14.95 -2.76 -13.05
N ALA B 40 -15.83 -2.14 -13.82
CA ALA B 40 -15.49 -1.79 -15.19
C ALA B 40 -14.51 -0.62 -15.22
N GLU B 41 -13.89 -0.41 -16.38
CA GLU B 41 -12.74 0.49 -16.46
C GLU B 41 -13.03 1.92 -16.02
N GLY B 42 -14.28 2.35 -16.13
CA GLY B 42 -14.59 3.74 -15.83
C GLY B 42 -14.38 4.05 -14.37
N THR B 43 -14.75 3.13 -13.47
CA THR B 43 -14.50 3.31 -12.05
C THR B 43 -13.01 3.51 -11.77
N LEU B 44 -12.19 2.61 -12.28
CA LEU B 44 -10.74 2.72 -12.13
C LEU B 44 -10.25 4.08 -12.60
N PHE B 45 -10.69 4.50 -13.78
CA PHE B 45 -10.27 5.81 -14.23
C PHE B 45 -10.88 6.97 -13.45
N ARG B 46 -11.94 6.73 -12.70
CA ARG B 46 -12.40 7.72 -11.75
C ARG B 46 -11.36 7.91 -10.66
N TYR B 47 -10.98 6.79 -10.01
CA TYR B 47 -10.02 6.88 -8.90
C TYR B 47 -8.67 7.40 -9.39
N PHE B 48 -8.17 6.86 -10.50
CA PHE B 48 -6.91 7.26 -11.11
C PHE B 48 -7.19 7.70 -12.54
N ALA B 49 -6.86 8.96 -12.84
CA ALA B 49 -7.21 9.58 -14.11
C ALA B 49 -6.24 9.28 -15.23
N THR B 50 -5.17 8.54 -14.96
CA THR B 50 -4.20 8.17 -15.97
C THR B 50 -3.52 6.90 -15.54
N LYS B 51 -2.97 6.18 -16.51
CA LYS B 51 -2.03 5.14 -16.16
C LYS B 51 -0.88 5.72 -15.39
N ASP B 52 -0.33 6.84 -15.83
CA ASP B 52 0.80 7.41 -15.09
C ASP B 52 0.43 7.70 -13.64
N GLU B 53 -0.72 8.34 -13.44
CA GLU B 53 -1.17 8.64 -12.09
C GLU B 53 -1.33 7.35 -11.28
N LEU B 54 -1.86 6.31 -11.91
CA LEU B 54 -1.99 5.03 -11.23
C LEU B 54 -0.63 4.43 -10.90
N ILE B 55 0.29 4.46 -11.86
CA ILE B 55 1.65 3.97 -11.64
C ILE B 55 2.21 4.62 -10.41
N ASN B 56 2.19 5.94 -10.37
CA ASN B 56 2.83 6.67 -9.28
C ASN B 56 2.13 6.38 -7.96
N THR B 57 0.80 6.42 -7.95
CA THR B 57 0.06 6.17 -6.72
C THR B 57 0.35 4.77 -6.19
N LEU B 58 0.49 3.81 -7.08
CA LEU B 58 0.78 2.47 -6.64
C LEU B 58 2.21 2.33 -6.13
N LEU B 60 3.77 4.48 -4.64
CA LEU B 60 3.74 5.04 -3.29
C LEU B 60 3.05 4.14 -2.27
N HIS B 61 1.95 3.52 -2.66
CA HIS B 61 1.25 2.61 -1.76
C HIS B 61 2.18 1.46 -1.37
N LEU B 62 2.90 0.92 -2.36
CA LEU B 62 3.81 -0.19 -2.12
C LEU B 62 5.01 0.22 -1.29
N LYS B 63 5.61 1.37 -1.61
CA LYS B 63 6.74 1.81 -0.82
C LYS B 63 6.30 2.08 0.61
N GLN B 64 5.09 2.60 0.80
CA GLN B 64 4.59 2.81 2.15
C GLN B 64 4.51 1.48 2.88
N ASP B 65 3.99 0.45 2.22
CA ASP B 65 3.92 -0.87 2.85
C ASP B 65 5.32 -1.32 3.26
N LEU B 66 6.27 -1.21 2.33
CA LEU B 66 7.65 -1.58 2.61
C LEU B 66 8.20 -0.79 3.78
N SER B 67 8.01 0.53 3.77
CA SER B 67 8.53 1.37 4.84
C SER B 67 7.91 1.01 6.18
N GLN B 68 6.63 0.64 6.19
CA GLN B 68 6.07 0.20 7.46
C GLN B 68 6.83 -1.02 7.94
N SER B 69 6.91 -2.03 7.08
CA SER B 69 7.53 -3.29 7.48
C SER B 69 8.99 -3.10 7.87
N MET B 70 9.66 -2.11 7.33
CA MET B 70 11.05 -1.92 7.74
C MET B 70 11.16 -1.14 9.03
N ILE B 71 10.47 0.00 9.12
CA ILE B 71 10.59 0.86 10.28
C ILE B 71 10.15 0.13 11.54
N MET B 72 9.28 -0.88 11.40
CA MET B 72 8.94 -1.68 12.58
C MET B 72 10.18 -2.22 13.30
N GLU B 73 11.06 -2.86 12.56
CA GLU B 73 12.17 -3.60 13.14
C GLU B 73 13.41 -2.78 13.43
N LEU B 74 13.43 -1.51 13.06
CA LEU B 74 14.66 -0.74 13.20
C LEU B 74 14.94 -0.37 14.65
N ASP B 75 16.21 -0.50 15.06
CA ASP B 75 16.68 -0.01 16.35
C ASP B 75 17.79 0.98 16.01
N ARG B 76 17.80 2.14 16.64
CA ARG B 76 18.63 3.26 16.19
C ARG B 76 19.98 3.36 16.86
N SER B 77 20.23 2.54 17.88
CA SER B 77 21.55 2.55 18.49
C SER B 77 22.63 2.20 17.47
N ILE B 78 22.25 1.44 16.44
CA ILE B 78 23.17 1.05 15.39
C ILE B 78 23.62 2.27 14.61
N THR B 79 24.94 2.42 14.40
CA THR B 79 25.42 3.50 13.56
C THR B 79 26.36 3.11 12.42
N ASP B 80 26.89 1.88 12.38
CA ASP B 80 27.65 1.48 11.20
C ASP B 80 26.71 1.52 9.99
N ALA B 81 27.22 2.06 8.88
CA ALA B 81 26.39 2.16 7.67
C ALA B 81 26.19 0.79 7.02
N LYS B 82 27.18 -0.08 7.09
CA LYS B 82 26.98 -1.43 6.60
C LYS B 82 26.02 -2.20 7.48
N MET B 83 26.11 -2.03 8.81
CA MET B 83 25.11 -2.64 9.68
C MET B 83 23.70 -2.17 9.33
N MET B 84 23.52 -0.85 9.25
CA MET B 84 22.21 -0.30 8.95
C MET B 84 21.68 -0.84 7.63
N THR B 85 22.52 -0.77 6.59
CA THR B 85 22.08 -1.22 5.28
C THR B 85 21.79 -2.70 5.27
N ARG B 86 22.54 -3.49 6.03
CA ARG B 86 22.30 -4.92 6.09
C ARG B 86 20.94 -5.23 6.72
N PHE B 87 20.60 -4.56 7.80
CA PHE B 87 19.27 -4.74 8.35
C PHE B 87 18.22 -4.24 7.39
N ILE B 88 18.43 -3.10 6.77
CA ILE B 88 17.47 -2.63 5.79
C ILE B 88 17.21 -3.69 4.73
N TRP B 89 18.29 -4.26 4.20
CA TRP B 89 18.20 -5.30 3.18
C TRP B 89 17.52 -6.54 3.72
N ASN B 90 17.81 -6.92 4.96
CA ASN B 90 17.09 -8.06 5.52
C ASN B 90 15.58 -7.78 5.53
N SER B 91 15.22 -6.56 5.91
CA SER B 91 13.82 -6.17 5.92
C SER B 91 13.22 -6.22 4.53
N TYR B 92 13.95 -5.71 3.54
CA TYR B 92 13.43 -5.70 2.18
C TYR B 92 13.29 -7.12 1.65
N ILE B 93 14.29 -7.96 1.86
CA ILE B 93 14.20 -9.34 1.40
C ILE B 93 13.03 -10.04 2.07
N SER B 94 12.82 -9.77 3.36
CA SER B 94 11.66 -10.35 4.03
C SER B 94 10.37 -9.94 3.36
N TRP B 95 10.23 -8.65 3.09
CA TRP B 95 9.00 -8.15 2.50
C TRP B 95 8.73 -8.83 1.17
N GLY B 96 9.75 -8.93 0.34
CA GLY B 96 9.60 -9.59 -0.95
C GLY B 96 9.21 -11.04 -0.81
N LEU B 97 9.79 -11.74 0.17
CA LEU B 97 9.39 -13.13 0.39
C LEU B 97 7.94 -13.21 0.83
N ASN B 98 7.53 -12.31 1.73
CA ASN B 98 6.15 -12.31 2.20
C ASN B 98 5.15 -11.83 1.14
N HIS B 99 5.53 -10.90 0.29
CA HIS B 99 4.62 -10.24 -0.65
C HIS B 99 5.24 -10.20 -2.03
N PRO B 100 5.35 -11.36 -2.68
CA PRO B 100 6.02 -11.41 -3.98
C PRO B 100 5.40 -10.52 -5.04
N ALA B 101 4.08 -10.41 -5.09
CA ALA B 101 3.49 -9.54 -6.09
C ALA B 101 3.89 -8.09 -5.81
N ARG B 102 3.91 -7.73 -4.54
CA ARG B 102 4.28 -6.36 -4.20
C ARG B 102 5.69 -6.05 -4.62
N HIS B 103 6.63 -6.97 -4.38
CA HIS B 103 7.98 -6.76 -4.87
C HIS B 103 8.04 -6.70 -6.40
N ARG B 104 7.45 -7.68 -7.07
CA ARG B 104 7.58 -7.73 -8.53
C ARG B 104 7.04 -6.43 -9.13
N ALA B 105 5.86 -6.01 -8.67
CA ALA B 105 5.24 -4.76 -9.12
C ALA B 105 6.12 -3.56 -8.80
N ILE B 106 6.63 -3.45 -7.57
CA ILE B 106 7.38 -2.23 -7.23
C ILE B 106 8.62 -2.15 -8.08
N ARG B 107 9.23 -3.29 -8.37
CA ARG B 107 10.41 -3.30 -9.22
C ARG B 107 10.08 -2.81 -10.62
N GLN B 108 9.00 -3.33 -11.21
CA GLN B 108 8.56 -2.83 -12.51
C GLN B 108 8.34 -1.32 -12.46
N LEU B 109 7.62 -0.85 -11.45
CA LEU B 109 7.31 0.58 -11.36
C LEU B 109 8.58 1.39 -11.22
N ALA B 110 9.50 0.95 -10.36
CA ALA B 110 10.72 1.70 -10.11
C ALA B 110 11.50 1.92 -11.39
N VAL B 111 11.71 0.86 -12.18
CA VAL B 111 12.50 1.02 -13.40
C VAL B 111 11.67 1.45 -14.59
N SER B 112 10.37 1.66 -14.40
CA SER B 112 9.61 2.42 -15.38
C SER B 112 10.21 3.82 -15.46
N GLU B 113 10.13 4.43 -16.63
CA GLU B 113 10.55 5.82 -16.73
C GLU B 113 9.39 6.75 -16.45
N LYS B 114 8.44 6.30 -15.63
CA LYS B 114 7.14 6.95 -15.50
C LYS B 114 6.90 7.54 -14.12
N LEU B 115 7.93 7.67 -13.29
CA LEU B 115 7.75 8.16 -11.93
C LEU B 115 8.06 9.65 -11.88
N THR B 116 7.05 10.43 -11.49
CA THR B 116 7.23 11.88 -11.34
C THR B 116 8.26 12.18 -10.26
N LYS B 117 8.94 13.31 -10.38
CA LYS B 117 9.86 13.71 -9.32
C LYS B 117 9.13 13.94 -8.00
N GLU B 118 7.87 14.39 -8.06
CA GLU B 118 7.11 14.50 -6.82
C GLU B 118 6.96 13.14 -6.16
N THR B 119 6.65 12.12 -6.95
CA THR B 119 6.52 10.77 -6.40
C THR B 119 7.84 10.30 -5.83
N GLU B 120 8.95 10.60 -6.51
CA GLU B 120 10.26 10.19 -6.01
C GLU B 120 10.58 10.84 -4.68
N GLN B 121 10.26 12.12 -4.53
CA GLN B 121 10.62 12.74 -3.26
C GLN B 121 9.67 12.33 -2.13
N ARG B 122 8.37 12.18 -2.41
CA ARG B 122 7.49 11.65 -1.36
C ARG B 122 7.99 10.29 -0.89
N ALA B 123 8.46 9.46 -1.82
CA ALA B 123 8.93 8.13 -1.44
C ALA B 123 10.27 8.21 -0.72
N ASP B 124 11.14 9.16 -1.10
CA ASP B 124 12.33 9.42 -0.30
C ASP B 124 11.95 9.77 1.14
N ASP B 125 10.88 10.55 1.30
CA ASP B 125 10.46 11.08 2.59
C ASP B 125 9.63 10.08 3.38
N MET B 126 9.39 8.89 2.83
CA MET B 126 8.86 7.85 3.70
C MET B 126 9.93 7.25 4.62
N PHE B 127 11.18 7.21 4.18
CA PHE B 127 12.31 6.72 4.98
C PHE B 127 13.42 7.74 4.79
N PRO B 128 13.36 8.88 5.48
CA PRO B 128 14.47 9.84 5.38
C PRO B 128 15.79 9.23 5.78
N GLU B 129 15.78 8.34 6.78
CA GLU B 129 17.01 7.77 7.30
C GLU B 129 17.69 6.91 6.25
N LEU B 130 16.91 6.28 5.38
CA LEU B 130 17.49 5.47 4.31
C LEU B 130 18.03 6.34 3.18
N ARG B 131 17.44 7.50 2.93
CA ARG B 131 17.97 8.37 1.90
C ARG B 131 19.29 8.97 2.34
N ASP B 132 19.39 9.35 3.62
CA ASP B 132 20.66 9.85 4.12
C ASP B 132 21.70 8.72 4.10
N LEU B 133 21.33 7.55 4.64
CA LEU B 133 22.21 6.39 4.55
C LEU B 133 22.74 6.22 3.14
N SER B 134 21.89 6.44 2.14
CA SER B 134 22.30 6.17 0.78
C SER B 134 23.21 7.24 0.20
N HIS B 135 22.97 8.51 0.52
CA HIS B 135 23.87 9.54 0.03
C HIS B 135 25.23 9.36 0.65
N ARG B 136 25.24 8.89 1.90
CA ARG B 136 26.51 8.65 2.54
C ARG B 136 27.24 7.52 1.80
N SER B 137 26.61 6.35 1.77
CA SER B 137 27.34 5.15 1.37
C SER B 137 27.44 4.84 -0.11
N VAL B 138 26.43 5.18 -0.92
CA VAL B 138 26.40 4.73 -2.31
C VAL B 138 27.36 5.53 -3.17
N LEU B 139 27.93 4.86 -4.18
CA LEU B 139 28.69 5.55 -5.20
C LEU B 139 27.86 6.67 -5.81
N MET B 140 28.50 7.67 -6.37
CA MET B 140 27.79 8.84 -6.88
C MET B 140 27.07 8.55 -8.19
N VAL B 141 27.64 7.71 -9.04
CA VAL B 141 26.99 7.37 -10.29
C VAL B 141 25.61 6.78 -10.05
N PHE B 142 25.51 5.83 -9.12
CA PHE B 142 24.26 5.14 -8.81
C PHE B 142 23.27 6.02 -8.04
N MET B 143 23.74 7.11 -7.44
CA MET B 143 22.91 8.11 -6.79
C MET B 143 22.49 9.27 -7.70
N SER B 144 23.20 9.50 -8.80
CA SER B 144 22.95 10.66 -9.63
C SER B 144 21.52 10.72 -10.14
N ASP B 145 21.13 11.91 -10.63
CA ASP B 145 19.83 12.02 -11.27
C ASP B 145 19.77 11.13 -12.51
N GLU B 146 20.90 10.98 -13.19
CA GLU B 146 20.91 10.32 -14.49
C GLU B 146 20.96 8.81 -14.35
N TYR B 147 21.56 8.30 -13.28
CA TYR B 147 21.75 6.85 -13.17
C TYR B 147 21.24 6.32 -11.84
N ARG B 148 20.34 7.05 -11.19
CA ARG B 148 19.69 6.49 -10.02
C ARG B 148 18.87 5.27 -10.41
N ALA B 149 18.16 5.36 -11.56
CA ALA B 149 17.31 4.27 -11.99
C ALA B 149 18.13 3.02 -12.26
N PHE B 150 19.30 3.17 -12.88
CA PHE B 150 20.14 2.00 -13.11
C PHE B 150 20.59 1.39 -11.79
N GLY B 151 20.97 2.22 -10.83
CA GLY B 151 21.37 1.71 -9.54
C GLY B 151 20.26 0.90 -8.88
N ASP B 152 19.05 1.46 -8.83
CA ASP B 152 17.91 0.74 -8.26
C ASP B 152 17.65 -0.53 -9.04
N GLY B 153 17.75 -0.46 -10.37
CA GLY B 153 17.63 -1.66 -11.17
C GLY B 153 18.59 -2.73 -10.68
N LEU B 154 19.86 -2.38 -10.53
CA LEU B 154 20.82 -3.39 -10.13
C LEU B 154 20.46 -3.94 -8.76
N PHE B 155 20.14 -3.03 -7.83
CA PHE B 155 19.79 -3.42 -6.48
C PHE B 155 18.64 -4.43 -6.49
N LEU B 156 17.56 -4.07 -7.17
CA LEU B 156 16.36 -4.92 -7.21
C LEU B 156 16.61 -6.22 -7.94
N ALA B 157 17.51 -6.20 -8.92
CA ALA B 157 17.93 -7.45 -9.54
C ALA B 157 18.58 -8.36 -8.51
N LEU B 158 19.53 -7.82 -7.75
CA LEU B 158 20.22 -8.65 -6.75
C LEU B 158 19.22 -9.11 -5.71
N ALA B 159 18.34 -8.19 -5.30
CA ALA B 159 17.36 -8.50 -4.27
C ALA B 159 16.39 -9.58 -4.72
N GLU B 160 15.96 -9.52 -5.99
CA GLU B 160 15.07 -10.55 -6.50
C GLU B 160 15.80 -11.87 -6.67
N THR B 161 17.06 -11.85 -7.10
CA THR B 161 17.77 -13.13 -7.20
C THR B 161 17.92 -13.76 -5.82
N THR B 162 18.22 -12.91 -4.82
CA THR B 162 18.28 -13.38 -3.44
C THR B 162 16.96 -13.99 -3.01
N MET B 163 15.85 -13.28 -3.27
CA MET B 163 14.53 -13.79 -2.92
C MET B 163 14.24 -15.11 -3.61
N ASP B 164 14.50 -15.20 -4.91
CA ASP B 164 14.21 -16.44 -5.63
C ASP B 164 15.03 -17.60 -5.07
N PHE B 165 16.31 -17.40 -4.78
CA PHE B 165 17.06 -18.52 -4.21
C PHE B 165 16.60 -18.87 -2.80
N ALA B 166 16.36 -17.86 -1.96
CA ALA B 166 15.87 -18.15 -0.63
C ALA B 166 14.59 -18.95 -0.72
N ALA B 167 13.66 -18.48 -1.56
CA ALA B 167 12.35 -19.12 -1.64
C ALA B 167 12.46 -20.55 -2.14
N ARG B 168 13.30 -20.77 -3.15
CA ARG B 168 13.49 -22.10 -3.69
C ARG B 168 14.16 -23.04 -2.68
N ASP B 169 14.94 -22.51 -1.76
CA ASP B 169 15.79 -23.33 -0.89
C ASP B 169 15.86 -22.67 0.48
N PRO B 170 14.75 -22.69 1.22
CA PRO B 170 14.69 -21.87 2.45
C PRO B 170 15.63 -22.34 3.52
N ALA B 171 16.07 -23.60 3.46
CA ALA B 171 17.02 -24.10 4.44
C ALA B 171 18.26 -23.23 4.50
N ARG B 172 18.64 -22.66 3.35
CA ARG B 172 19.83 -21.82 3.23
C ARG B 172 19.47 -20.35 3.05
N ALA B 173 18.23 -19.98 3.36
CA ALA B 173 17.77 -18.63 3.03
C ALA B 173 18.71 -17.59 3.59
N GLY B 174 19.07 -17.72 4.87
CA GLY B 174 19.91 -16.74 5.48
C GLY B 174 21.24 -16.63 4.76
N GLU B 175 21.83 -17.76 4.40
CA GLU B 175 23.08 -17.72 3.64
C GLU B 175 22.87 -16.90 2.37
N TYR B 176 21.80 -17.18 1.61
CA TYR B 176 21.56 -16.43 0.38
C TYR B 176 21.35 -14.95 0.67
N ILE B 177 20.66 -14.63 1.75
CA ILE B 177 20.40 -13.23 2.06
C ILE B 177 21.70 -12.55 2.42
N ALA B 178 22.59 -13.25 3.13
CA ALA B 178 23.85 -12.64 3.54
C ALA B 178 24.71 -12.35 2.32
N LEU B 179 24.98 -13.40 1.55
CA LEU B 179 25.82 -13.33 0.36
C LEU B 179 25.29 -12.26 -0.58
N GLY B 180 23.99 -12.31 -0.90
CA GLY B 180 23.41 -11.30 -1.77
C GLY B 180 23.70 -9.90 -1.25
N PHE B 181 23.48 -9.70 0.04
CA PHE B 181 23.77 -8.38 0.61
C PHE B 181 25.20 -7.97 0.31
N GLU B 182 26.17 -8.84 0.62
CA GLU B 182 27.55 -8.45 0.42
C GLU B 182 27.76 -8.08 -1.04
N ALA B 183 27.22 -8.91 -1.94
CA ALA B 183 27.43 -8.64 -3.36
C ALA B 183 26.86 -7.27 -3.72
N MET B 184 25.66 -6.97 -3.24
CA MET B 184 25.11 -5.68 -3.61
C MET B 184 25.93 -4.56 -2.97
N TRP B 185 26.39 -4.78 -1.73
CA TRP B 185 27.11 -3.73 -1.03
C TRP B 185 28.40 -3.37 -1.76
N ARG B 186 29.26 -4.36 -1.95
CA ARG B 186 30.49 -4.17 -2.71
C ARG B 186 30.21 -3.58 -4.09
N ALA B 187 29.13 -4.01 -4.76
CA ALA B 187 28.88 -3.46 -6.09
C ALA B 187 28.57 -1.98 -6.01
N LEU B 188 27.71 -1.61 -5.11
CA LEU B 188 27.07 -0.31 -5.21
C LEU B 188 27.69 0.79 -4.39
N THR B 189 28.59 0.48 -3.47
CA THR B 189 28.91 1.42 -2.41
C THR B 189 30.35 1.90 -2.50
N ARG B 190 30.54 3.12 -1.99
CA ARG B 190 31.84 3.75 -1.95
C ARG B 190 32.73 3.02 -0.93
N GLU B 191 34.04 3.07 -1.18
CA GLU B 191 35.07 2.31 -0.48
C GLU B 191 35.87 3.31 0.35
N GLU B 192 36.61 2.80 1.36
CA GLU B 192 37.36 3.60 2.36
C GLU B 192 37.45 5.08 2.00
N LYS C 9 17.13 -1.88 26.27
CA LYS C 9 17.66 -0.56 26.61
C LYS C 9 16.54 0.46 26.46
N LYS C 10 15.91 0.44 25.29
CA LYS C 10 14.76 1.31 25.03
C LYS C 10 13.72 1.10 26.11
N GLN C 11 13.62 -0.14 26.59
CA GLN C 11 12.62 -0.48 27.61
C GLN C 11 12.85 0.25 28.92
N ALA C 12 14.10 0.28 29.39
CA ALA C 12 14.39 1.01 30.62
C ALA C 12 14.06 2.49 30.45
N LEU C 13 14.34 3.03 29.28
CA LEU C 13 13.96 4.42 29.01
C LEU C 13 12.45 4.60 29.09
N LEU C 14 11.68 3.67 28.49
CA LEU C 14 10.23 3.78 28.52
C LEU C 14 9.67 3.70 29.93
N GLU C 15 10.18 2.78 30.75
CA GLU C 15 9.71 2.69 32.13
C GLU C 15 10.07 3.96 32.90
N ALA C 16 11.24 4.54 32.61
CA ALA C 16 11.61 5.78 33.28
C ALA C 16 10.73 6.94 32.84
N ALA C 17 10.43 7.02 31.54
CA ALA C 17 9.54 8.05 31.05
C ALA C 17 8.14 7.91 31.63
N THR C 18 7.66 6.67 31.74
CA THR C 18 6.39 6.43 32.41
C THR C 18 6.39 7.03 33.80
N GLN C 19 7.41 6.69 34.58
CA GLN C 19 7.47 7.18 35.95
C GLN C 19 7.53 8.71 35.97
N ALA C 20 8.35 9.28 35.09
CA ALA C 20 8.54 10.72 35.05
C ALA C 20 7.25 11.45 34.73
N ILE C 21 6.55 11.03 33.68
CA ILE C 21 5.31 11.69 33.30
C ILE C 21 4.23 11.47 34.33
N ALA C 22 4.20 10.28 34.96
CA ALA C 22 3.29 10.10 36.07
C ALA C 22 3.52 11.18 37.12
N GLN C 23 4.78 11.54 37.35
CA GLN C 23 5.02 12.49 38.43
C GLN C 23 4.81 13.94 37.99
N SER C 24 5.14 14.27 36.75
CA SER C 24 5.22 15.65 36.33
C SER C 24 4.50 15.95 35.03
N GLY C 25 3.83 15.00 34.44
CA GLY C 25 3.10 15.30 33.24
C GLY C 25 4.04 15.43 32.06
N ILE C 26 3.49 15.98 30.99
CA ILE C 26 4.24 16.10 29.74
C ILE C 26 5.50 16.93 29.92
N ALA C 27 5.50 17.85 30.88
CA ALA C 27 6.61 18.78 31.04
C ALA C 27 7.92 18.08 31.41
N ALA C 28 7.84 16.88 31.98
CA ALA C 28 9.02 16.18 32.47
C ALA C 28 10.19 16.28 31.51
N SER C 29 11.38 16.50 32.06
CA SER C 29 12.56 16.73 31.25
C SER C 29 13.12 15.42 30.69
N THR C 30 13.61 15.47 29.45
CA THR C 30 14.32 14.33 28.89
C THR C 30 15.58 14.00 29.70
N ALA C 31 16.22 15.02 30.27
CA ALA C 31 17.44 14.80 31.05
C ALA C 31 17.20 13.89 32.23
N VAL C 32 16.11 14.11 32.98
CA VAL C 32 15.87 13.27 34.15
C VAL C 32 15.48 11.86 33.73
N ILE C 33 14.68 11.73 32.66
CA ILE C 33 14.33 10.39 32.17
C ILE C 33 15.60 9.62 31.83
N ALA C 34 16.51 10.26 31.09
CA ALA C 34 17.76 9.61 30.76
C ALA C 34 18.54 9.31 32.04
N ARG C 35 18.50 10.22 33.00
CA ARG C 35 19.24 10.03 34.24
C ARG C 35 18.75 8.79 34.98
N ASN C 36 17.44 8.58 35.05
CA ASN C 36 16.86 7.47 35.80
C ASN C 36 16.91 6.16 35.03
N ALA C 37 16.93 6.21 33.71
CA ALA C 37 17.52 5.11 32.97
C ALA C 37 19.03 5.27 33.10
N GLY C 38 19.76 4.20 32.87
CA GLY C 38 21.19 4.27 33.09
C GLY C 38 21.93 4.92 31.93
N VAL C 39 21.28 5.87 31.24
CA VAL C 39 21.85 6.40 30.01
C VAL C 39 21.82 7.92 29.98
N ALA C 40 22.81 8.50 29.29
CA ALA C 40 22.85 9.94 29.10
C ALA C 40 21.79 10.33 28.08
N GLU C 41 21.42 11.62 28.12
CA GLU C 41 20.28 12.11 27.37
C GLU C 41 20.39 11.86 25.86
N GLY C 42 21.61 11.71 25.34
CA GLY C 42 21.77 11.47 23.92
C GLY C 42 21.27 10.12 23.47
N THR C 43 21.47 9.09 24.31
CA THR C 43 20.90 7.78 24.04
C THR C 43 19.39 7.90 23.87
N LEU C 44 18.77 8.57 24.84
CA LEU C 44 17.34 8.84 24.80
C LEU C 44 16.93 9.47 23.49
N PHE C 45 17.67 10.48 23.05
CA PHE C 45 17.30 11.13 21.80
C PHE C 45 17.64 10.28 20.58
N ARG C 46 18.52 9.28 20.72
CA ARG C 46 18.64 8.32 19.63
C ARG C 46 17.35 7.53 19.51
N TYR C 47 16.88 6.90 20.57
CA TYR C 47 15.69 6.06 20.41
C TYR C 47 14.44 6.86 19.99
N PHE C 48 14.20 8.00 20.65
CA PHE C 48 13.09 8.89 20.31
C PHE C 48 13.72 10.22 19.91
N ALA C 49 13.51 10.64 18.67
CA ALA C 49 14.21 11.82 18.17
C ALA C 49 13.58 13.11 18.65
N THR C 50 12.49 13.04 19.41
CA THR C 50 11.84 14.24 19.88
C THR C 50 11.03 13.98 21.14
N LYS C 51 10.72 15.06 21.84
CA LYS C 51 9.71 15.01 22.89
C LYS C 51 8.43 14.39 22.34
N ASP C 52 7.94 14.91 21.21
CA ASP C 52 6.67 14.44 20.66
C ASP C 52 6.74 12.98 20.26
N GLU C 53 7.81 12.58 19.55
CA GLU C 53 7.95 11.18 19.16
C GLU C 53 7.93 10.29 20.39
N LEU C 54 8.58 10.71 21.47
CA LEU C 54 8.55 9.92 22.70
C LEU C 54 7.14 9.86 23.27
N ILE C 55 6.46 11.00 23.36
CA ILE C 55 5.09 11.00 23.85
C ILE C 55 4.28 9.93 23.11
N ASN C 56 4.32 9.97 21.78
CA ASN C 56 3.49 9.06 20.99
C ASN C 56 3.92 7.60 21.18
N THR C 57 5.23 7.35 21.14
CA THR C 57 5.70 5.99 21.29
C THR C 57 5.29 5.41 22.63
N LEU C 58 5.30 6.24 23.67
CA LEU C 58 4.93 5.78 24.99
C LEU C 58 3.41 5.57 25.13
N LEU C 60 1.51 4.56 22.99
CA LEU C 60 1.29 3.25 22.40
C LEU C 60 1.89 2.10 23.22
N HIS C 61 3.08 2.29 23.80
CA HIS C 61 3.65 1.23 24.63
C HIS C 61 2.70 0.85 25.76
N LEU C 62 2.13 1.87 26.40
CA LEU C 62 1.22 1.64 27.52
C LEU C 62 -0.11 1.05 27.04
N LYS C 63 -0.64 1.55 25.94
CA LYS C 63 -1.89 1.01 25.42
C LYS C 63 -1.71 -0.46 25.04
N GLN C 64 -0.57 -0.81 24.47
CA GLN C 64 -0.26 -2.20 24.21
C GLN C 64 -0.16 -3.01 25.49
N ASP C 65 0.48 -2.48 26.52
CA ASP C 65 0.55 -3.22 27.78
C ASP C 65 -0.85 -3.50 28.30
N LEU C 66 -1.71 -2.48 28.22
CA LEU C 66 -3.12 -2.64 28.56
C LEU C 66 -3.77 -3.74 27.73
N SER C 67 -3.60 -3.64 26.41
CA SER C 67 -4.19 -4.62 25.53
C SER C 67 -3.64 -6.01 25.83
N GLN C 68 -2.39 -6.11 26.27
CA GLN C 68 -1.84 -7.40 26.65
C GLN C 68 -2.61 -7.97 27.83
N SER C 69 -2.81 -7.18 28.88
CA SER C 69 -3.56 -7.69 30.02
C SER C 69 -4.98 -8.05 29.62
N MET C 70 -5.52 -7.38 28.60
CA MET C 70 -6.88 -7.69 28.16
C MET C 70 -6.92 -8.92 27.27
N ILE C 71 -5.96 -9.01 26.34
CA ILE C 71 -5.85 -10.04 25.32
C ILE C 71 -6.01 -11.40 25.99
N MET C 72 -5.80 -11.42 27.33
CA MET C 72 -6.12 -12.61 28.11
C MET C 72 -7.50 -13.14 27.74
N GLU C 73 -8.51 -12.29 27.80
CA GLU C 73 -9.89 -12.70 27.59
C GLU C 73 -10.38 -12.12 26.25
N LEU C 74 -10.10 -12.83 25.14
CA LEU C 74 -10.46 -12.33 23.81
C LEU C 74 -11.97 -12.46 23.60
N ASP C 75 -12.57 -11.39 23.09
CA ASP C 75 -14.02 -11.25 23.00
C ASP C 75 -14.46 -10.84 21.61
N ARG C 76 -15.54 -11.47 21.13
CA ARG C 76 -16.01 -11.25 19.78
C ARG C 76 -17.16 -10.23 19.79
N SER C 77 -17.36 -9.57 18.64
CA SER C 77 -18.35 -8.50 18.52
C SER C 77 -19.76 -9.02 18.76
N ILE C 78 -19.95 -10.33 18.65
CA ILE C 78 -21.28 -10.94 18.79
C ILE C 78 -21.75 -10.78 20.23
N THR C 79 -20.89 -10.23 21.09
CA THR C 79 -21.33 -9.93 22.45
C THR C 79 -21.90 -8.51 22.51
N ASP C 80 -22.74 -8.29 23.51
CA ASP C 80 -23.40 -7.02 23.80
C ASP C 80 -22.40 -5.88 23.98
N ALA C 81 -22.85 -4.68 23.63
CA ALA C 81 -21.98 -3.52 23.75
C ALA C 81 -21.70 -3.16 25.21
N LYS C 82 -22.71 -3.27 26.08
CA LYS C 82 -22.43 -3.04 27.48
C LYS C 82 -21.56 -4.17 28.02
N MET C 83 -21.77 -5.41 27.56
CA MET C 83 -20.85 -6.46 28.01
C MET C 83 -19.41 -6.10 27.65
N MET C 84 -19.18 -5.79 26.38
CA MET C 84 -17.84 -5.46 25.92
C MET C 84 -17.27 -4.26 26.65
N THR C 85 -18.05 -3.19 26.77
CA THR C 85 -17.55 -1.98 27.43
C THR C 85 -17.25 -2.24 28.91
N ARG C 86 -18.09 -3.01 29.59
CA ARG C 86 -17.78 -3.37 30.96
C ARG C 86 -16.53 -4.24 31.03
N PHE C 87 -16.37 -5.14 30.06
CA PHE C 87 -15.17 -5.95 30.11
C PHE C 87 -13.95 -5.04 29.98
N ILE C 88 -13.99 -4.09 29.05
CA ILE C 88 -12.90 -3.15 28.86
C ILE C 88 -12.66 -2.36 30.14
N TRP C 89 -13.73 -1.82 30.73
CA TRP C 89 -13.56 -0.99 31.91
C TRP C 89 -13.01 -1.77 33.08
N ASN C 90 -13.52 -2.96 33.33
CA ASN C 90 -12.93 -3.76 34.41
C ASN C 90 -11.46 -4.03 34.12
N SER C 91 -11.13 -4.33 32.88
CA SER C 91 -9.72 -4.57 32.55
C SER C 91 -8.89 -3.32 32.81
N TYR C 92 -9.41 -2.17 32.39
CA TYR C 92 -8.65 -0.95 32.57
C TYR C 92 -8.45 -0.62 34.04
N ILE C 93 -9.50 -0.80 34.83
CA ILE C 93 -9.42 -0.53 36.25
C ILE C 93 -8.38 -1.44 36.89
N SER C 94 -8.41 -2.71 36.53
CA SER C 94 -7.42 -3.63 37.05
C SER C 94 -6.01 -3.19 36.66
N TRP C 95 -5.85 -2.79 35.40
CA TRP C 95 -4.53 -2.36 34.93
C TRP C 95 -4.04 -1.18 35.74
N GLY C 96 -4.88 -0.17 35.94
CA GLY C 96 -4.48 0.97 36.73
C GLY C 96 -4.14 0.59 38.16
N LEU C 97 -4.92 -0.32 38.76
CA LEU C 97 -4.63 -0.72 40.13
C LEU C 97 -3.28 -1.44 40.22
N ASN C 98 -3.01 -2.37 39.29
CA ASN C 98 -1.72 -3.05 39.35
C ASN C 98 -0.60 -2.10 38.98
N HIS C 99 -0.84 -1.19 38.04
CA HIS C 99 0.20 -0.35 37.46
C HIS C 99 -0.24 1.11 37.50
N PRO C 100 -0.23 1.70 38.69
CA PRO C 100 -0.67 3.10 38.82
C PRO C 100 0.10 4.08 37.97
N ALA C 101 1.42 3.91 37.86
CA ALA C 101 2.18 4.85 37.04
C ALA C 101 1.77 4.72 35.58
N ARG C 102 1.49 3.50 35.11
CA ARG C 102 1.05 3.34 33.73
C ARG C 102 -0.27 4.08 33.52
N HIS C 103 -1.20 3.96 34.45
CA HIS C 103 -2.44 4.70 34.34
C HIS C 103 -2.19 6.21 34.33
N ARG C 104 -1.43 6.71 35.31
CA ARG C 104 -1.22 8.16 35.41
C ARG C 104 -0.49 8.69 34.18
N ALA C 105 0.55 7.99 33.75
CA ALA C 105 1.27 8.40 32.57
C ALA C 105 0.34 8.45 31.37
N ILE C 106 -0.42 7.38 31.15
CA ILE C 106 -1.27 7.32 29.97
C ILE C 106 -2.30 8.43 29.99
N ARG C 107 -2.81 8.78 31.17
CA ARG C 107 -3.80 9.84 31.23
C ARG C 107 -3.20 11.19 30.81
N GLN C 108 -2.03 11.50 31.35
CA GLN C 108 -1.32 12.70 30.91
C GLN C 108 -1.14 12.68 29.39
N LEU C 109 -0.71 11.55 28.86
CA LEU C 109 -0.48 11.45 27.42
C LEU C 109 -1.77 11.62 26.63
N ALA C 110 -2.85 10.99 27.08
CA ALA C 110 -4.11 11.06 26.39
C ALA C 110 -4.55 12.50 26.23
N VAL C 111 -4.52 13.28 27.33
CA VAL C 111 -5.05 14.62 27.25
C VAL C 111 -4.03 15.65 26.77
N SER C 112 -2.78 15.25 26.53
CA SER C 112 -1.94 16.08 25.70
C SER C 112 -2.60 16.07 24.33
N GLU C 113 -2.55 17.18 23.61
CA GLU C 113 -3.03 17.18 22.23
C GLU C 113 -1.88 16.97 21.26
N LYS C 114 -0.89 16.19 21.66
CA LYS C 114 0.36 16.01 20.95
C LYS C 114 0.42 14.63 20.29
N LEU C 115 -0.71 13.93 20.22
CA LEU C 115 -0.78 12.57 19.70
C LEU C 115 -1.12 12.66 18.21
N THR C 116 -0.24 12.16 17.37
CA THR C 116 -0.45 12.21 15.93
C THR C 116 -1.71 11.44 15.55
N LYS C 117 -2.29 11.81 14.41
CA LYS C 117 -3.40 11.03 13.89
C LYS C 117 -3.00 9.59 13.64
N GLU C 118 -1.74 9.37 13.23
CA GLU C 118 -1.28 7.99 13.06
C GLU C 118 -1.30 7.22 14.38
N THR C 119 -0.80 7.82 15.44
CA THR C 119 -0.86 7.11 16.73
C THR C 119 -2.30 6.88 17.14
N GLU C 120 -3.18 7.83 16.83
CA GLU C 120 -4.59 7.66 17.19
C GLU C 120 -5.21 6.49 16.44
N GLN C 121 -4.87 6.33 15.15
CA GLN C 121 -5.43 5.23 14.37
C GLN C 121 -4.78 3.91 14.80
N ARG C 122 -3.47 3.96 15.06
CA ARG C 122 -2.76 2.79 15.55
C ARG C 122 -3.37 2.30 16.87
N ALA C 123 -3.82 3.24 17.70
CA ALA C 123 -4.42 2.91 18.99
C ALA C 123 -5.86 2.43 18.82
N ASP C 124 -6.60 3.03 17.87
CA ASP C 124 -7.91 2.50 17.53
C ASP C 124 -7.81 1.03 17.17
N ASP C 125 -6.73 0.65 16.48
CA ASP C 125 -6.62 -0.69 15.93
C ASP C 125 -6.10 -1.73 16.92
N MET C 126 -5.74 -1.35 18.14
CA MET C 126 -5.48 -2.35 19.18
C MET C 126 -6.75 -2.93 19.78
N PHE C 127 -7.85 -2.20 19.67
CA PHE C 127 -9.17 -2.61 20.16
C PHE C 127 -10.06 -2.46 18.95
N PRO C 128 -10.04 -3.44 18.04
CA PRO C 128 -10.93 -3.35 16.85
C PRO C 128 -12.40 -3.31 17.24
N GLU C 129 -12.83 -4.19 18.17
CA GLU C 129 -14.22 -4.20 18.63
C GLU C 129 -14.52 -3.04 19.56
N LEU C 130 -13.52 -2.28 20.01
CA LEU C 130 -13.86 -1.06 20.71
C LEU C 130 -14.49 -0.05 19.79
N ARG C 131 -14.08 -0.08 18.52
CA ARG C 131 -14.38 1.00 17.59
C ARG C 131 -15.70 0.75 16.85
N ASP C 132 -16.77 0.85 17.62
CA ASP C 132 -18.14 0.90 17.10
C ASP C 132 -18.85 1.86 18.06
N LEU C 133 -19.18 3.05 17.57
CA LEU C 133 -19.78 4.10 18.38
C LEU C 133 -21.30 4.05 18.43
N SER C 134 -21.95 3.25 17.58
CA SER C 134 -23.41 3.27 17.49
C SER C 134 -24.12 3.23 18.84
N HIS C 135 -23.54 2.58 19.84
CA HIS C 135 -24.08 2.62 21.20
C HIS C 135 -23.99 4.00 21.83
N ARG C 136 -23.00 4.79 21.42
CA ARG C 136 -22.84 6.12 21.99
C ARG C 136 -24.01 7.03 21.70
N SER C 137 -24.10 8.10 22.49
CA SER C 137 -25.17 9.05 22.32
C SER C 137 -24.80 10.00 21.18
N VAL C 138 -25.74 10.86 20.81
CA VAL C 138 -25.41 11.84 19.78
C VAL C 138 -24.33 12.76 20.30
N LEU C 139 -24.52 13.22 21.54
CA LEU C 139 -23.50 14.02 22.20
C LEU C 139 -22.14 13.37 22.15
N MET C 140 -22.07 12.07 22.44
CA MET C 140 -20.77 11.44 22.56
C MET C 140 -20.11 11.20 21.20
N VAL C 141 -20.88 10.85 20.18
CA VAL C 141 -20.30 10.79 18.84
C VAL C 141 -19.76 12.16 18.45
N PHE C 142 -20.52 13.21 18.75
CA PHE C 142 -20.09 14.56 18.38
C PHE C 142 -18.86 14.99 19.18
N MET C 143 -18.70 14.44 20.38
CA MET C 143 -17.53 14.77 21.17
C MET C 143 -16.34 14.01 20.63
N SER C 144 -16.57 12.77 20.19
CA SER C 144 -15.48 11.96 19.68
C SER C 144 -14.89 12.62 18.46
N ASP C 145 -15.71 13.36 17.71
CA ASP C 145 -15.17 14.15 16.59
C ASP C 145 -14.39 15.37 17.08
N GLU C 146 -15.09 16.30 17.74
CA GLU C 146 -14.52 17.62 18.01
C GLU C 146 -13.73 17.70 19.32
N TYR C 147 -14.07 16.88 20.31
CA TYR C 147 -13.58 17.01 21.68
C TYR C 147 -13.07 15.69 22.25
N ARG C 148 -12.42 14.87 21.44
CA ARG C 148 -11.97 13.55 21.86
C ARG C 148 -11.03 13.58 23.06
N ALA C 149 -10.08 14.51 23.13
CA ALA C 149 -9.19 14.51 24.29
C ALA C 149 -9.98 14.77 25.57
N PHE C 150 -10.95 15.67 25.50
CA PHE C 150 -11.83 15.91 26.64
C PHE C 150 -12.62 14.68 27.01
N GLY C 151 -13.15 13.98 26.00
CA GLY C 151 -13.89 12.77 26.30
C GLY C 151 -13.04 11.75 27.01
N ASP C 152 -11.86 11.48 26.48
CA ASP C 152 -10.95 10.55 27.13
C ASP C 152 -10.60 11.05 28.52
N GLY C 153 -10.35 12.35 28.64
CA GLY C 153 -10.11 12.94 29.95
C GLY C 153 -11.20 12.62 30.95
N LEU C 154 -12.45 12.78 30.55
CA LEU C 154 -13.56 12.46 31.44
C LEU C 154 -13.64 10.97 31.76
N PHE C 155 -13.47 10.12 30.74
CA PHE C 155 -13.47 8.69 30.99
C PHE C 155 -12.43 8.37 32.07
N LEU C 156 -11.23 8.87 31.88
CA LEU C 156 -10.12 8.61 32.78
C LEU C 156 -10.38 9.26 34.13
N ALA C 157 -11.12 10.37 34.18
CA ALA C 157 -11.47 10.95 35.46
C ALA C 157 -12.31 9.97 36.26
N LEU C 158 -13.34 9.43 35.61
CA LEU C 158 -14.20 8.49 36.29
C LEU C 158 -13.41 7.26 36.69
N ALA C 159 -12.55 6.80 35.79
CA ALA C 159 -11.76 5.60 36.04
C ALA C 159 -10.79 5.79 37.22
N GLU C 160 -10.15 6.95 37.27
CA GLU C 160 -9.19 7.20 38.33
C GLU C 160 -9.90 7.33 39.66
N THR C 161 -11.07 7.96 39.67
CA THR C 161 -11.82 8.05 40.92
C THR C 161 -12.22 6.66 41.39
N THR C 162 -12.66 5.82 40.46
CA THR C 162 -12.99 4.45 40.79
C THR C 162 -11.79 3.72 41.38
N MET C 163 -10.63 3.83 40.73
CA MET C 163 -9.43 3.15 41.22
C MET C 163 -9.07 3.62 42.62
N ASP C 164 -9.07 4.93 42.84
CA ASP C 164 -8.67 5.46 44.15
C ASP C 164 -9.59 4.96 45.24
N PHE C 165 -10.90 4.95 44.96
CA PHE C 165 -11.82 4.47 45.99
C PHE C 165 -11.68 2.97 46.24
N ALA C 166 -11.50 2.20 45.16
CA ALA C 166 -11.26 0.78 45.31
C ALA C 166 -10.00 0.55 46.15
N ALA C 167 -8.91 1.21 45.78
CA ALA C 167 -7.65 0.96 46.46
C ALA C 167 -7.75 1.33 47.92
N ARG C 168 -8.41 2.45 48.21
CA ARG C 168 -8.53 2.90 49.59
C ARG C 168 -9.35 1.95 50.43
N ASP C 169 -10.31 1.27 49.82
CA ASP C 169 -11.28 0.45 50.56
C ASP C 169 -11.54 -0.79 49.75
N PRO C 170 -10.56 -1.71 49.68
CA PRO C 170 -10.69 -2.86 48.78
C PRO C 170 -11.85 -3.75 49.15
N ALA C 171 -12.32 -3.66 50.40
CA ALA C 171 -13.48 -4.45 50.78
C ALA C 171 -14.65 -4.16 49.86
N ARG C 172 -14.75 -2.93 49.36
CA ARG C 172 -15.87 -2.50 48.53
C ARG C 172 -15.45 -2.30 47.09
N ALA C 173 -14.28 -2.82 46.71
CA ALA C 173 -13.74 -2.49 45.41
C ALA C 173 -14.74 -2.79 44.31
N GLY C 174 -15.33 -3.98 44.34
CA GLY C 174 -16.25 -4.36 43.28
C GLY C 174 -17.45 -3.43 43.19
N GLU C 175 -18.03 -3.04 44.33
CA GLU C 175 -19.12 -2.08 44.26
C GLU C 175 -18.68 -0.83 43.53
N TYR C 176 -17.54 -0.26 43.94
CA TYR C 176 -17.07 0.95 43.29
C TYR C 176 -16.87 0.72 41.80
N ILE C 177 -16.30 -0.43 41.43
CA ILE C 177 -15.99 -0.65 40.02
C ILE C 177 -17.28 -0.71 39.23
N ALA C 178 -18.31 -1.30 39.83
CA ALA C 178 -19.61 -1.32 39.17
C ALA C 178 -20.17 0.09 39.09
N LEU C 179 -20.21 0.82 40.22
CA LEU C 179 -20.83 2.14 40.18
C LEU C 179 -20.15 3.01 39.14
N GLY C 180 -18.83 3.12 39.23
CA GLY C 180 -18.11 3.89 38.24
C GLY C 180 -18.50 3.46 36.86
N PHE C 181 -18.55 2.14 36.63
CA PHE C 181 -18.90 1.67 35.30
C PHE C 181 -20.25 2.23 34.85
N GLU C 182 -21.29 2.06 35.67
CA GLU C 182 -22.60 2.52 35.21
C GLU C 182 -22.54 4.00 34.89
N ALA C 183 -21.89 4.76 35.77
CA ALA C 183 -21.87 6.20 35.59
C ALA C 183 -21.26 6.50 34.23
N MET C 184 -20.13 5.85 33.94
CA MET C 184 -19.42 6.10 32.68
C MET C 184 -20.31 5.67 31.52
N TRP C 185 -20.99 4.52 31.69
CA TRP C 185 -21.88 4.02 30.66
C TRP C 185 -23.02 4.97 30.41
N ARG C 186 -23.70 5.40 31.47
CA ARG C 186 -24.75 6.40 31.28
C ARG C 186 -24.18 7.59 30.52
N ALA C 187 -23.00 8.06 30.93
CA ALA C 187 -22.41 9.24 30.31
C ALA C 187 -22.21 9.00 28.84
N LEU C 188 -21.90 7.78 28.46
CA LEU C 188 -21.50 7.53 27.09
C LEU C 188 -22.69 7.15 26.23
N THR C 189 -23.77 6.73 26.86
CA THR C 189 -24.76 5.91 26.15
C THR C 189 -26.14 6.53 26.25
N ARG C 190 -26.41 7.17 27.39
CA ARG C 190 -27.69 7.81 27.64
C ARG C 190 -27.89 8.99 26.70
N GLU C 191 -29.13 9.13 26.22
CA GLU C 191 -29.48 10.07 25.16
C GLU C 191 -30.57 11.02 25.62
N GLU C 192 -30.71 12.13 24.89
CA GLU C 192 -31.62 13.20 25.27
C GLU C 192 -33.09 12.80 25.13
N GLN C 193 -33.94 13.49 25.90
CA GLN C 193 -35.36 13.16 25.94
C GLN C 193 -36.23 14.40 25.76
N GLU D 7 -39.22 0.72 -23.45
CA GLU D 7 -38.55 1.51 -22.42
C GLU D 7 -38.86 3.00 -22.60
N ASP D 8 -38.99 3.45 -23.84
CA ASP D 8 -39.43 4.83 -24.09
C ASP D 8 -40.53 5.22 -23.10
N LYS D 9 -41.56 4.38 -23.04
CA LYS D 9 -42.56 4.45 -21.99
C LYS D 9 -41.93 4.51 -20.60
N LYS D 10 -40.90 3.69 -20.34
CA LYS D 10 -40.30 3.70 -19.02
C LYS D 10 -39.84 5.08 -18.59
N GLN D 11 -39.12 5.79 -19.46
CA GLN D 11 -38.65 7.10 -19.02
C GLN D 11 -39.81 8.08 -18.91
N ALA D 12 -40.80 7.99 -19.81
CA ALA D 12 -41.97 8.87 -19.63
C ALA D 12 -42.60 8.62 -18.26
N LEU D 13 -42.60 7.35 -17.83
CA LEU D 13 -43.11 7.00 -16.52
C LEU D 13 -42.26 7.64 -15.43
N LEU D 14 -40.94 7.56 -15.57
CA LEU D 14 -40.06 8.13 -14.55
C LEU D 14 -40.27 9.63 -14.43
N GLU D 15 -40.41 10.33 -15.55
CA GLU D 15 -40.63 11.77 -15.53
C GLU D 15 -41.95 12.08 -14.83
N ALA D 16 -42.97 11.24 -15.03
CA ALA D 16 -44.23 11.46 -14.33
C ALA D 16 -44.10 11.19 -12.84
N ALA D 17 -43.37 10.15 -12.45
CA ALA D 17 -43.16 9.87 -11.03
C ALA D 17 -42.43 11.02 -10.37
N THR D 18 -41.40 11.54 -11.05
CA THR D 18 -40.70 12.70 -10.55
C THR D 18 -41.67 13.84 -10.28
N GLN D 19 -42.47 14.21 -11.26
CA GLN D 19 -43.37 15.34 -11.05
C GLN D 19 -44.36 15.06 -9.92
N ALA D 20 -44.92 13.85 -9.88
CA ALA D 20 -45.91 13.52 -8.86
C ALA D 20 -45.31 13.61 -7.47
N ILE D 21 -44.12 13.05 -7.28
CA ILE D 21 -43.48 13.06 -5.96
C ILE D 21 -43.04 14.47 -5.59
N ALA D 22 -42.52 15.23 -6.55
CA ALA D 22 -42.18 16.61 -6.28
C ALA D 22 -43.37 17.38 -5.77
N GLN D 23 -44.56 17.10 -6.33
CA GLN D 23 -45.75 17.87 -5.98
C GLN D 23 -46.46 17.34 -4.75
N SER D 24 -46.45 16.03 -4.55
CA SER D 24 -47.25 15.36 -3.55
C SER D 24 -46.43 14.39 -2.72
N GLY D 25 -45.13 14.30 -2.96
CA GLY D 25 -44.26 13.51 -2.13
C GLY D 25 -44.45 12.03 -2.39
N ILE D 26 -43.92 11.24 -1.45
CA ILE D 26 -44.00 9.79 -1.62
C ILE D 26 -45.46 9.36 -1.71
N ALA D 27 -46.37 10.15 -1.12
CA ALA D 27 -47.77 9.76 -1.10
C ALA D 27 -48.39 9.66 -2.48
N ALA D 28 -47.85 10.36 -3.47
CA ALA D 28 -48.43 10.35 -4.81
C ALA D 28 -48.76 8.91 -5.23
N SER D 29 -49.95 8.72 -5.79
CA SER D 29 -50.41 7.38 -6.12
C SER D 29 -49.78 6.88 -7.41
N THR D 30 -49.54 5.58 -7.46
CA THR D 30 -49.08 4.99 -8.71
C THR D 30 -50.08 5.25 -9.84
N ALA D 31 -51.37 5.32 -9.50
CA ALA D 31 -52.39 5.55 -10.52
C ALA D 31 -52.18 6.88 -11.21
N VAL D 32 -51.90 7.95 -10.45
CA VAL D 32 -51.75 9.26 -11.07
C VAL D 32 -50.50 9.30 -11.93
N ILE D 33 -49.42 8.64 -11.48
CA ILE D 33 -48.22 8.56 -12.28
C ILE D 33 -48.53 7.95 -13.64
N ALA D 34 -49.20 6.80 -13.62
CA ALA D 34 -49.53 6.13 -14.87
C ALA D 34 -50.47 6.99 -15.71
N ARG D 35 -51.43 7.64 -15.06
CA ARG D 35 -52.39 8.47 -15.79
C ARG D 35 -51.68 9.56 -16.57
N ASN D 36 -50.74 10.25 -15.93
CA ASN D 36 -50.06 11.35 -16.60
C ASN D 36 -48.94 10.89 -17.53
N ALA D 37 -48.46 9.65 -17.37
CA ALA D 37 -47.60 9.07 -18.39
C ALA D 37 -48.35 8.72 -19.66
N GLY D 38 -49.67 8.80 -19.66
CA GLY D 38 -50.44 8.36 -20.81
C GLY D 38 -50.48 6.85 -20.98
N VAL D 39 -50.36 6.10 -19.90
CA VAL D 39 -50.45 4.64 -19.92
C VAL D 39 -51.25 4.26 -18.68
N ALA D 40 -52.04 3.20 -18.79
CA ALA D 40 -52.78 2.74 -17.62
C ALA D 40 -51.86 2.06 -16.60
N GLU D 41 -52.36 1.96 -15.37
CA GLU D 41 -51.53 1.57 -14.25
C GLU D 41 -50.88 0.20 -14.43
N GLY D 42 -51.47 -0.66 -15.26
CA GLY D 42 -50.88 -1.97 -15.44
C GLY D 42 -49.54 -1.90 -16.14
N THR D 43 -49.42 -1.03 -17.14
CA THR D 43 -48.15 -0.83 -17.83
C THR D 43 -47.07 -0.38 -16.84
N LEU D 44 -47.40 0.64 -16.04
CA LEU D 44 -46.49 1.12 -15.02
C LEU D 44 -46.02 -0.02 -14.14
N PHE D 45 -46.95 -0.85 -13.67
CA PHE D 45 -46.52 -1.96 -12.83
C PHE D 45 -45.81 -3.04 -13.62
N ARG D 46 -45.89 -3.01 -14.94
CA ARG D 46 -45.00 -3.85 -15.72
C ARG D 46 -43.56 -3.39 -15.55
N TYR D 47 -43.32 -2.10 -15.77
CA TYR D 47 -41.94 -1.60 -15.67
C TYR D 47 -41.43 -1.68 -14.24
N PHE D 48 -42.24 -1.27 -13.26
CA PHE D 48 -41.89 -1.36 -11.84
C PHE D 48 -42.95 -2.16 -11.12
N ALA D 49 -42.55 -3.25 -10.47
CA ALA D 49 -43.56 -4.13 -9.90
C ALA D 49 -44.06 -3.69 -8.52
N THR D 50 -43.48 -2.66 -7.91
CA THR D 50 -43.93 -2.18 -6.61
C THR D 50 -43.57 -0.71 -6.44
N LYS D 51 -44.25 -0.07 -5.50
CA LYS D 51 -43.96 1.34 -5.18
C LYS D 51 -42.50 1.54 -4.79
N ASP D 52 -41.99 0.71 -3.87
CA ASP D 52 -40.61 0.88 -3.39
C ASP D 52 -39.60 0.69 -4.52
N GLU D 53 -39.78 -0.32 -5.36
CA GLU D 53 -38.88 -0.52 -6.49
C GLU D 53 -38.80 0.75 -7.32
N LEU D 54 -39.95 1.38 -7.52
CA LEU D 54 -40.00 2.64 -8.27
C LEU D 54 -39.23 3.74 -7.55
N ILE D 55 -39.48 3.90 -6.25
CA ILE D 55 -38.75 4.90 -5.48
C ILE D 55 -37.25 4.71 -5.67
N ASN D 56 -36.75 3.50 -5.42
CA ASN D 56 -35.30 3.31 -5.41
C ASN D 56 -34.69 3.56 -6.79
N THR D 57 -35.31 3.00 -7.83
CA THR D 57 -34.77 3.21 -9.17
C THR D 57 -34.87 4.66 -9.60
N LEU D 58 -35.90 5.38 -9.15
CA LEU D 58 -35.97 6.81 -9.46
C LEU D 58 -34.93 7.66 -8.70
N LEU D 60 -32.07 6.66 -7.98
CA LEU D 60 -30.87 6.48 -8.78
C LEU D 60 -30.88 7.21 -10.14
N HIS D 61 -32.02 7.24 -10.82
CA HIS D 61 -32.08 7.96 -12.11
C HIS D 61 -31.79 9.43 -11.90
N LEU D 62 -32.36 10.02 -10.85
CA LEU D 62 -32.11 11.42 -10.52
C LEU D 62 -30.68 11.63 -10.06
N LYS D 63 -30.14 10.71 -9.27
CA LYS D 63 -28.76 10.83 -8.84
C LYS D 63 -27.83 10.80 -10.05
N GLN D 64 -28.12 9.94 -11.02
CA GLN D 64 -27.33 9.92 -12.24
C GLN D 64 -27.45 11.24 -12.99
N ASP D 65 -28.66 11.79 -13.09
CA ASP D 65 -28.81 13.06 -13.81
C ASP D 65 -27.93 14.13 -13.17
N LEU D 66 -27.97 14.21 -11.84
CA LEU D 66 -27.11 15.11 -11.10
C LEU D 66 -25.64 14.82 -11.38
N SER D 67 -25.24 13.55 -11.28
CA SER D 67 -23.85 13.19 -11.50
C SER D 67 -23.38 13.64 -12.88
N GLN D 68 -24.26 13.53 -13.87
CA GLN D 68 -23.95 13.97 -15.21
C GLN D 68 -23.69 15.46 -15.23
N SER D 69 -24.59 16.25 -14.67
CA SER D 69 -24.38 17.69 -14.71
C SER D 69 -23.13 18.11 -13.93
N MET D 70 -22.74 17.36 -12.89
CA MET D 70 -21.61 17.81 -12.10
C MET D 70 -20.28 17.37 -12.70
N ILE D 71 -20.16 16.07 -12.98
CA ILE D 71 -18.94 15.46 -13.48
C ILE D 71 -18.43 16.16 -14.72
N MET D 72 -19.25 17.01 -15.33
CA MET D 72 -18.81 17.77 -16.50
C MET D 72 -17.42 18.34 -16.30
N GLU D 73 -17.22 19.14 -15.25
CA GLU D 73 -15.95 19.83 -15.04
C GLU D 73 -15.36 19.55 -13.68
N LEU D 74 -15.54 18.35 -13.15
CA LEU D 74 -14.87 18.01 -11.91
C LEU D 74 -13.41 17.79 -12.31
N ASP D 75 -12.48 18.37 -11.56
CA ASP D 75 -11.09 18.29 -11.97
C ASP D 75 -10.22 17.81 -10.80
N ARG D 76 -8.92 17.70 -11.08
CA ARG D 76 -7.97 17.11 -10.16
C ARG D 76 -7.14 18.10 -9.35
N SER D 77 -6.90 19.31 -9.88
CA SER D 77 -5.82 20.14 -9.33
C SER D 77 -6.05 20.61 -7.89
N ILE D 78 -7.29 20.97 -7.54
CA ILE D 78 -7.54 21.45 -6.19
C ILE D 78 -7.46 20.30 -5.19
N THR D 79 -7.12 20.62 -3.94
CA THR D 79 -7.17 19.63 -2.85
C THR D 79 -7.90 20.11 -1.60
N ASP D 80 -8.13 21.40 -1.42
CA ASP D 80 -8.89 21.82 -0.24
C ASP D 80 -10.28 21.18 -0.31
N ALA D 81 -10.70 20.61 0.83
CA ALA D 81 -12.00 19.95 0.88
C ALA D 81 -13.15 20.95 0.86
N LYS D 82 -12.92 22.14 1.41
CA LYS D 82 -13.94 23.18 1.35
C LYS D 82 -14.10 23.72 -0.06
N MET D 83 -12.99 23.91 -0.79
CA MET D 83 -13.11 24.32 -2.19
C MET D 83 -13.89 23.29 -2.99
N MET D 84 -13.51 22.03 -2.84
CA MET D 84 -14.15 20.95 -3.58
C MET D 84 -15.63 20.90 -3.28
N THR D 85 -15.99 20.91 -2.00
CA THR D 85 -17.41 20.87 -1.66
C THR D 85 -18.13 22.12 -2.17
N ARG D 86 -17.47 23.26 -2.20
CA ARG D 86 -18.11 24.45 -2.75
C ARG D 86 -18.47 24.26 -4.21
N PHE D 87 -17.56 23.67 -4.98
CA PHE D 87 -17.89 23.37 -6.37
C PHE D 87 -19.06 22.40 -6.45
N ILE D 88 -19.02 21.35 -5.64
CA ILE D 88 -20.11 20.38 -5.63
C ILE D 88 -21.45 21.08 -5.36
N TRP D 89 -21.46 21.94 -4.36
CA TRP D 89 -22.67 22.64 -3.98
C TRP D 89 -23.15 23.59 -5.06
N ASN D 90 -22.23 24.29 -5.71
CA ASN D 90 -22.66 25.14 -6.80
C ASN D 90 -23.33 24.31 -7.87
N SER D 91 -22.73 23.17 -8.20
CA SER D 91 -23.32 22.32 -9.21
C SER D 91 -24.70 21.86 -8.77
N TYR D 92 -24.83 21.43 -7.53
CA TYR D 92 -26.13 20.96 -7.09
C TYR D 92 -27.16 22.07 -7.13
N ILE D 93 -26.78 23.26 -6.68
CA ILE D 93 -27.73 24.39 -6.68
C ILE D 93 -28.15 24.72 -8.10
N SER D 94 -27.20 24.70 -9.03
CA SER D 94 -27.52 24.94 -10.42
C SER D 94 -28.50 23.90 -10.94
N TRP D 95 -28.23 22.63 -10.65
CA TRP D 95 -29.10 21.57 -11.12
C TRP D 95 -30.52 21.76 -10.62
N GLY D 96 -30.65 22.00 -9.31
CA GLY D 96 -31.97 22.19 -8.75
C GLY D 96 -32.68 23.38 -9.36
N LEU D 97 -31.94 24.44 -9.62
CA LEU D 97 -32.52 25.60 -10.27
C LEU D 97 -32.99 25.27 -11.68
N ASN D 98 -32.20 24.49 -12.42
CA ASN D 98 -32.59 24.08 -13.76
C ASN D 98 -33.72 23.05 -13.73
N HIS D 99 -33.78 22.19 -12.72
CA HIS D 99 -34.72 21.07 -12.67
C HIS D 99 -35.38 21.02 -11.30
N PRO D 100 -36.29 21.97 -11.04
CA PRO D 100 -36.94 22.02 -9.72
C PRO D 100 -37.66 20.75 -9.33
N ALA D 101 -38.35 20.12 -10.26
CA ALA D 101 -39.02 18.87 -9.91
C ALA D 101 -37.99 17.81 -9.54
N ARG D 102 -36.88 17.77 -10.27
CA ARG D 102 -35.86 16.76 -10.00
C ARG D 102 -35.31 16.92 -8.59
N HIS D 103 -34.99 18.16 -8.19
CA HIS D 103 -34.54 18.38 -6.83
C HIS D 103 -35.62 17.99 -5.83
N ARG D 104 -36.85 18.47 -6.02
CA ARG D 104 -37.91 18.21 -5.04
C ARG D 104 -38.14 16.71 -4.87
N ALA D 105 -38.23 15.99 -5.98
CA ALA D 105 -38.39 14.56 -5.92
C ALA D 105 -37.21 13.91 -5.24
N ILE D 106 -35.98 14.26 -5.65
CA ILE D 106 -34.84 13.54 -5.10
C ILE D 106 -34.78 13.73 -3.60
N ARG D 107 -35.14 14.94 -3.16
CA ARG D 107 -35.14 15.27 -1.74
C ARG D 107 -36.13 14.42 -0.98
N GLN D 108 -37.37 14.36 -1.48
CA GLN D 108 -38.38 13.51 -0.86
C GLN D 108 -37.85 12.09 -0.74
N LEU D 109 -37.27 11.58 -1.83
CA LEU D 109 -36.80 10.21 -1.86
C LEU D 109 -35.67 9.99 -0.87
N ALA D 110 -34.71 10.92 -0.83
CA ALA D 110 -33.58 10.77 0.06
C ALA D 110 -34.05 10.60 1.49
N VAL D 111 -34.98 11.45 1.93
CA VAL D 111 -35.40 11.38 3.33
C VAL D 111 -36.56 10.42 3.58
N SER D 112 -37.06 9.75 2.54
CA SER D 112 -37.95 8.61 2.73
C SER D 112 -37.24 7.49 3.48
N GLU D 113 -38.02 6.68 4.18
CA GLU D 113 -37.47 5.51 4.86
C GLU D 113 -37.43 4.30 3.95
N LYS D 114 -37.35 4.52 2.65
CA LYS D 114 -37.61 3.48 1.67
C LYS D 114 -36.43 3.11 0.79
N LEU D 115 -35.22 3.58 1.09
CA LEU D 115 -34.09 3.36 0.20
C LEU D 115 -33.27 2.16 0.66
N THR D 116 -33.17 1.16 -0.22
CA THR D 116 -32.37 0.00 0.12
C THR D 116 -30.91 0.41 0.27
N LYS D 117 -30.20 -0.30 1.15
CA LYS D 117 -28.76 -0.08 1.23
C LYS D 117 -28.08 -0.42 -0.09
N GLU D 118 -28.65 -1.35 -0.87
CA GLU D 118 -28.12 -1.56 -2.21
C GLU D 118 -28.25 -0.30 -3.06
N THR D 119 -29.40 0.37 -2.96
CA THR D 119 -29.57 1.64 -3.67
C THR D 119 -28.57 2.67 -3.17
N GLU D 120 -28.35 2.69 -1.85
CA GLU D 120 -27.40 3.61 -1.24
C GLU D 120 -25.96 3.31 -1.68
N GLN D 121 -25.62 2.04 -1.86
CA GLN D 121 -24.27 1.70 -2.31
C GLN D 121 -24.09 2.05 -3.78
N ARG D 122 -25.11 1.77 -4.60
CA ARG D 122 -25.05 2.17 -6.00
C ARG D 122 -24.95 3.69 -6.14
N ALA D 123 -25.62 4.46 -5.27
CA ALA D 123 -25.51 5.91 -5.38
C ALA D 123 -24.18 6.41 -4.81
N ASP D 124 -23.66 5.76 -3.76
CA ASP D 124 -22.31 6.05 -3.29
C ASP D 124 -21.30 5.87 -4.41
N ASP D 125 -21.48 4.84 -5.22
CA ASP D 125 -20.49 4.53 -6.24
C ASP D 125 -20.66 5.36 -7.51
N MET D 126 -21.69 6.20 -7.60
CA MET D 126 -21.72 7.16 -8.70
C MET D 126 -20.77 8.32 -8.45
N PHE D 127 -20.54 8.61 -7.17
CA PHE D 127 -19.64 9.69 -6.76
C PHE D 127 -18.67 9.06 -5.76
N PRO D 128 -17.69 8.29 -6.23
CA PRO D 128 -16.66 7.85 -5.26
C PRO D 128 -16.00 9.05 -4.60
N GLU D 129 -15.81 10.11 -5.40
CA GLU D 129 -15.08 11.27 -4.93
C GLU D 129 -15.85 12.03 -3.85
N LEU D 130 -17.16 12.14 -4.00
CA LEU D 130 -17.97 12.90 -3.04
C LEU D 130 -18.17 12.15 -1.73
N ARG D 131 -18.22 10.82 -1.76
CA ARG D 131 -18.42 10.10 -0.52
C ARG D 131 -17.11 10.09 0.26
N ASP D 132 -15.99 10.08 -0.46
CA ASP D 132 -14.70 10.17 0.21
C ASP D 132 -14.51 11.57 0.79
N LEU D 133 -14.88 12.60 0.02
CA LEU D 133 -14.83 13.95 0.52
C LEU D 133 -15.70 14.12 1.76
N SER D 134 -16.80 13.39 1.83
CA SER D 134 -17.68 13.53 2.98
C SER D 134 -17.14 12.82 4.20
N HIS D 135 -16.45 11.70 4.00
CA HIS D 135 -15.80 11.06 5.12
C HIS D 135 -14.71 11.95 5.70
N ARG D 136 -13.94 12.60 4.85
CA ARG D 136 -12.92 13.51 5.38
C ARG D 136 -13.56 14.73 6.04
N SER D 137 -14.61 15.27 5.43
CA SER D 137 -15.13 16.57 5.86
C SER D 137 -16.12 16.50 7.00
N VAL D 138 -17.20 15.73 6.81
CA VAL D 138 -18.37 15.85 7.67
C VAL D 138 -18.16 15.22 9.05
N LEU D 139 -18.90 15.77 10.01
CA LEU D 139 -19.04 15.20 11.33
C LEU D 139 -19.49 13.74 11.26
N MET D 140 -19.01 12.96 12.21
CA MET D 140 -19.28 11.54 12.20
C MET D 140 -20.75 11.26 12.49
N VAL D 141 -21.38 12.12 13.29
CA VAL D 141 -22.80 11.99 13.58
C VAL D 141 -23.63 12.03 12.30
N PHE D 142 -23.37 13.02 11.44
CA PHE D 142 -24.09 13.17 10.18
C PHE D 142 -23.71 12.12 9.14
N MET D 143 -22.64 11.36 9.41
CA MET D 143 -22.22 10.22 8.60
C MET D 143 -22.66 8.85 9.13
N SER D 144 -23.06 8.76 10.40
CA SER D 144 -23.43 7.47 10.95
C SER D 144 -24.57 6.84 10.16
N ASP D 145 -24.71 5.51 10.31
CA ASP D 145 -25.85 4.85 9.70
C ASP D 145 -27.13 5.40 10.30
N GLU D 146 -27.07 5.84 11.54
CA GLU D 146 -28.28 6.21 12.24
C GLU D 146 -28.73 7.62 11.86
N TYR D 147 -27.79 8.50 11.50
CA TYR D 147 -28.17 9.89 11.24
C TYR D 147 -27.60 10.42 9.93
N ARG D 148 -27.23 9.54 9.00
CA ARG D 148 -26.85 9.99 7.67
C ARG D 148 -28.05 10.66 7.03
N ALA D 149 -29.22 10.09 7.26
CA ALA D 149 -30.45 10.63 6.69
C ALA D 149 -30.76 12.02 7.24
N PHE D 150 -30.60 12.23 8.54
CA PHE D 150 -30.82 13.56 9.09
C PHE D 150 -29.84 14.56 8.48
N GLY D 151 -28.59 14.16 8.31
CA GLY D 151 -27.65 15.05 7.66
C GLY D 151 -28.07 15.43 6.27
N ASP D 152 -28.42 14.43 5.45
CA ASP D 152 -28.89 14.74 4.10
C ASP D 152 -30.11 15.64 4.17
N GLY D 153 -31.01 15.35 5.11
CA GLY D 153 -32.18 16.18 5.31
C GLY D 153 -31.83 17.63 5.52
N LEU D 154 -30.89 17.88 6.44
CA LEU D 154 -30.51 19.27 6.73
C LEU D 154 -29.89 19.93 5.50
N PHE D 155 -28.96 19.24 4.86
CA PHE D 155 -28.30 19.76 3.68
C PHE D 155 -29.32 20.12 2.61
N LEU D 156 -30.23 19.21 2.31
CA LEU D 156 -31.20 19.46 1.26
C LEU D 156 -32.17 20.58 1.65
N ALA D 157 -32.47 20.71 2.94
CA ALA D 157 -33.25 21.85 3.40
C ALA D 157 -32.51 23.16 3.09
N LEU D 158 -31.23 23.20 3.43
CA LEU D 158 -30.48 24.43 3.15
C LEU D 158 -30.40 24.68 1.64
N ALA D 159 -30.14 23.62 0.88
CA ALA D 159 -30.03 23.73 -0.57
C ALA D 159 -31.33 24.20 -1.19
N GLU D 160 -32.45 23.73 -0.66
CA GLU D 160 -33.72 24.18 -1.19
C GLU D 160 -33.98 25.63 -0.86
N THR D 161 -33.61 26.07 0.35
CA THR D 161 -33.77 27.50 0.67
C THR D 161 -32.90 28.37 -0.24
N THR D 162 -31.66 27.94 -0.47
CA THR D 162 -30.78 28.63 -1.40
C THR D 162 -31.40 28.68 -2.79
N MET D 163 -31.93 27.55 -3.26
CA MET D 163 -32.57 27.54 -4.56
C MET D 163 -33.73 28.53 -4.62
N ASP D 164 -34.60 28.50 -3.62
CA ASP D 164 -35.77 29.39 -3.63
C ASP D 164 -35.38 30.86 -3.57
N PHE D 165 -34.40 31.21 -2.78
CA PHE D 165 -34.01 32.62 -2.79
C PHE D 165 -33.32 32.99 -4.09
N ALA D 166 -32.50 32.09 -4.63
CA ALA D 166 -31.88 32.33 -5.91
C ALA D 166 -32.93 32.58 -6.98
N ALA D 167 -33.94 31.71 -7.03
CA ALA D 167 -34.93 31.80 -8.10
C ALA D 167 -35.80 33.04 -7.96
N ARG D 168 -36.22 33.34 -6.74
CA ARG D 168 -37.07 34.50 -6.53
C ARG D 168 -36.35 35.79 -6.83
N ASP D 169 -35.01 35.81 -6.71
CA ASP D 169 -34.26 37.05 -6.76
C ASP D 169 -32.90 36.77 -7.43
N PRO D 170 -32.92 36.52 -8.72
CA PRO D 170 -31.67 36.04 -9.36
C PRO D 170 -30.56 37.06 -9.43
N ALA D 171 -30.87 38.36 -9.32
CA ALA D 171 -29.79 39.33 -9.30
C ALA D 171 -28.77 39.00 -8.21
N ARG D 172 -29.22 38.42 -7.11
CA ARG D 172 -28.38 38.06 -5.97
C ARG D 172 -28.13 36.56 -5.88
N ALA D 173 -28.38 35.83 -6.96
CA ALA D 173 -28.33 34.38 -6.86
C ALA D 173 -26.98 33.93 -6.29
N GLY D 174 -25.90 34.46 -6.84
CA GLY D 174 -24.60 34.04 -6.38
C GLY D 174 -24.39 34.33 -4.91
N GLU D 175 -24.86 35.48 -4.46
CA GLU D 175 -24.77 35.77 -3.04
C GLU D 175 -25.43 34.65 -2.26
N TYR D 176 -26.67 34.32 -2.63
CA TYR D 176 -27.40 33.27 -1.92
C TYR D 176 -26.65 31.96 -1.96
N ILE D 177 -26.01 31.65 -3.09
CA ILE D 177 -25.36 30.34 -3.19
C ILE D 177 -24.16 30.31 -2.28
N ALA D 178 -23.44 31.43 -2.19
CA ALA D 178 -22.29 31.46 -1.31
C ALA D 178 -22.73 31.35 0.15
N LEU D 179 -23.59 32.27 0.59
CA LEU D 179 -24.03 32.25 1.98
C LEU D 179 -24.60 30.88 2.34
N GLY D 180 -25.52 30.38 1.52
CA GLY D 180 -26.08 29.08 1.81
C GLY D 180 -24.99 28.04 2.01
N PHE D 181 -24.04 28.01 1.08
CA PHE D 181 -22.96 27.06 1.23
C PHE D 181 -22.26 27.20 2.58
N GLU D 182 -21.82 28.42 2.93
CA GLU D 182 -21.07 28.57 4.17
C GLU D 182 -21.92 28.07 5.34
N ALA D 183 -23.20 28.42 5.32
CA ALA D 183 -24.08 28.00 6.42
C ALA D 183 -24.09 26.48 6.53
N MET D 184 -24.20 25.81 5.37
CA MET D 184 -24.23 24.36 5.36
C MET D 184 -22.90 23.81 5.86
N TRP D 185 -21.81 24.40 5.41
CA TRP D 185 -20.49 23.85 5.76
C TRP D 185 -20.26 23.93 7.27
N ARG D 186 -20.41 25.12 7.83
CA ARG D 186 -20.27 25.26 9.27
C ARG D 186 -21.21 24.34 10.02
N ALA D 187 -22.43 24.18 9.53
CA ALA D 187 -23.35 23.33 10.30
C ALA D 187 -22.88 21.88 10.31
N LEU D 188 -22.41 21.38 9.17
CA LEU D 188 -22.30 19.94 9.02
C LEU D 188 -20.90 19.40 9.22
N THR D 189 -19.87 20.23 9.23
CA THR D 189 -18.51 19.72 9.01
C THR D 189 -17.66 19.78 10.27
N ARG D 190 -16.68 18.90 10.29
CA ARG D 190 -15.72 18.83 11.38
C ARG D 190 -14.79 20.04 11.30
N GLU D 191 -14.27 20.45 12.46
CA GLU D 191 -13.48 21.66 12.61
C GLU D 191 -12.03 21.32 12.94
N GLU D 192 -11.14 22.27 12.69
CA GLU D 192 -9.71 22.06 12.87
C GLU D 192 -9.13 23.01 13.89
#